data_6XAY
#
_entry.id   6XAY
#
_cell.length_a   125.085
_cell.length_b   440.367
_cell.length_c   60.474
_cell.angle_alpha   90.00
_cell.angle_beta   90.00
_cell.angle_gamma   90.00
#
_symmetry.space_group_name_H-M   'C 2 2 2'
#
loop_
_entity.id
_entity.type
_entity.pdbx_description
1 polymer Fibronectin
2 non-polymer GLYCEROL
3 water water
#
_entity_poly.entity_id   1
_entity_poly.type   'polypeptide(L)'
_entity_poly.pdbx_seq_one_letter_code
;GSHMVSDVPRDLEVVAATPTSLLISWDAPAVTVRYYRITYGETGGNSPVQEFTVPGSKSTATISGLKPGVDYTITVYAVT
GRGDSPASSKPISINYRTEIDKPSQMQVTDVQDNSISVKWLPSSSPVTGYRVTTTPKNGPGPTKTKTAGPDQTEMTIEGL
QPTVEYVVSVYAQNPSGESQPLVQTAVTTIPAPTDLKFTQGTPTSLSAQWTPPNVQLTGYRVRVTPKEKTGPMKEINLAP
DSSSVVVSGLMVATKYEVSVYALKDTLTSRPAQGVVTTLE
;
_entity_poly.pdbx_strand_id   A,B,C,D
#
loop_
_chem_comp.id
_chem_comp.type
_chem_comp.name
_chem_comp.formula
GOL non-polymer GLYCEROL 'C3 H8 O3'
#
# COMPACT_ATOMS: atom_id res chain seq x y z
N SER A 6 -9.78 17.88 -42.12
CA SER A 6 -10.28 17.11 -43.26
C SER A 6 -11.06 15.92 -42.75
N ASP A 7 -11.49 15.03 -43.65
CA ASP A 7 -12.33 13.90 -43.27
C ASP A 7 -11.56 12.69 -42.80
N VAL A 8 -10.23 12.71 -42.92
CA VAL A 8 -9.43 11.58 -42.45
C VAL A 8 -9.47 11.54 -40.93
N PRO A 9 -9.53 10.36 -40.31
CA PRO A 9 -9.37 10.31 -38.85
C PRO A 9 -7.96 10.74 -38.46
N ARG A 10 -7.82 11.23 -37.23
CA ARG A 10 -6.54 11.77 -36.77
C ARG A 10 -6.12 11.13 -35.46
N ASP A 11 -4.80 11.01 -35.28
CA ASP A 11 -4.21 10.56 -34.02
C ASP A 11 -4.64 9.14 -33.67
N LEU A 12 -4.56 8.25 -34.67
CA LEU A 12 -4.80 6.83 -34.45
C LEU A 12 -3.67 6.24 -33.61
N GLU A 13 -4.02 5.61 -32.49
CA GLU A 13 -3.03 4.95 -31.63
C GLU A 13 -3.65 3.68 -31.05
N VAL A 14 -2.79 2.75 -30.64
CA VAL A 14 -3.24 1.58 -29.89
C VAL A 14 -3.07 1.88 -28.40
N VAL A 15 -4.12 1.61 -27.63
CA VAL A 15 -4.12 1.95 -26.21
C VAL A 15 -3.90 0.74 -25.31
N ALA A 16 -4.05 -0.48 -25.82
CA ALA A 16 -3.87 -1.68 -25.00
C ALA A 16 -3.43 -2.83 -25.89
N ALA A 17 -2.24 -3.36 -25.64
CA ALA A 17 -1.71 -4.46 -26.42
C ALA A 17 -1.78 -5.76 -25.63
N THR A 18 -2.21 -6.80 -26.30
CA THR A 18 -2.45 -8.13 -25.75
C THR A 18 -1.84 -9.15 -26.70
N PRO A 19 -1.36 -10.29 -26.19
CA PRO A 19 -0.84 -11.33 -27.10
C PRO A 19 -1.76 -11.64 -28.27
N THR A 20 -3.09 -11.50 -28.10
CA THR A 20 -4.06 -11.86 -29.12
C THR A 20 -4.93 -10.71 -29.61
N SER A 21 -4.84 -9.53 -28.99
CA SER A 21 -5.74 -8.43 -29.30
C SER A 21 -4.99 -7.11 -29.23
N LEU A 22 -5.48 -6.14 -30.02
CA LEU A 22 -4.99 -4.77 -29.99
C LEU A 22 -6.20 -3.84 -29.93
N LEU A 23 -6.18 -2.91 -28.99
CA LEU A 23 -7.26 -1.93 -28.84
C LEU A 23 -6.75 -0.61 -29.40
N ILE A 24 -7.37 -0.15 -30.48
CA ILE A 24 -6.99 1.10 -31.11
C ILE A 24 -8.04 2.17 -30.82
N SER A 25 -7.63 3.43 -30.94
CA SER A 25 -8.52 4.57 -30.81
C SER A 25 -8.00 5.71 -31.69
N TRP A 26 -8.93 6.55 -32.12
CA TRP A 26 -8.61 7.73 -32.92
C TRP A 26 -9.45 8.90 -32.44
N ASP A 27 -9.19 10.09 -33.00
CA ASP A 27 -9.93 11.28 -32.62
C ASP A 27 -11.26 11.32 -33.36
N ALA A 28 -12.34 11.51 -32.62
CA ALA A 28 -13.67 11.59 -33.22
C ALA A 28 -13.83 12.91 -33.97
N PRO A 29 -14.10 12.89 -35.28
CA PRO A 29 -14.21 14.15 -36.03
C PRO A 29 -15.47 14.91 -35.67
N ALA A 30 -15.47 16.20 -36.03
CA ALA A 30 -16.55 17.09 -35.62
C ALA A 30 -17.87 16.69 -36.28
N VAL A 31 -17.88 16.58 -37.61
CA VAL A 31 -19.08 16.20 -38.34
C VAL A 31 -19.18 14.69 -38.39
N THR A 32 -20.39 14.17 -38.18
CA THR A 32 -20.58 12.75 -37.97
C THR A 32 -20.20 11.94 -39.21
N VAL A 33 -19.69 10.73 -38.97
CA VAL A 33 -19.28 9.81 -40.01
C VAL A 33 -20.29 8.66 -40.05
N ARG A 34 -20.56 8.15 -41.25
CA ARG A 34 -21.47 7.02 -41.37
C ARG A 34 -20.90 5.78 -40.68
N TYR A 35 -19.71 5.35 -41.08
CA TYR A 35 -19.04 4.23 -40.44
C TYR A 35 -17.57 4.25 -40.83
N TYR A 36 -16.78 3.47 -40.13
CA TYR A 36 -15.34 3.38 -40.35
C TYR A 36 -14.98 2.02 -40.93
N ARG A 37 -13.84 1.97 -41.62
CA ARG A 37 -13.31 0.74 -42.19
C ARG A 37 -11.94 0.48 -41.58
N ILE A 38 -11.83 -0.59 -40.78
CA ILE A 38 -10.59 -0.90 -40.08
C ILE A 38 -9.95 -2.14 -40.68
N THR A 39 -9.06 -1.94 -41.64
CA THR A 39 -8.28 -3.05 -42.18
C THR A 39 -7.03 -3.28 -41.34
N TYR A 40 -6.60 -4.54 -41.27
CA TYR A 40 -5.41 -4.86 -40.50
C TYR A 40 -4.76 -6.12 -41.05
N GLY A 41 -3.44 -6.16 -41.00
CA GLY A 41 -2.69 -7.31 -41.45
C GLY A 41 -1.26 -7.25 -40.96
N GLU A 42 -0.57 -8.37 -41.12
CA GLU A 42 0.81 -8.49 -40.64
C GLU A 42 1.74 -7.62 -41.48
N THR A 43 2.66 -6.93 -40.80
CA THR A 43 3.65 -6.09 -41.47
C THR A 43 4.61 -6.96 -42.26
N GLY A 44 4.49 -6.94 -43.58
CA GLY A 44 5.37 -7.72 -44.43
C GLY A 44 4.93 -9.14 -44.70
N GLY A 45 3.65 -9.43 -44.55
CA GLY A 45 3.13 -10.77 -44.85
C GLY A 45 2.10 -10.69 -45.95
N ASN A 46 2.14 -11.67 -46.86
CA ASN A 46 1.26 -11.68 -48.02
C ASN A 46 -0.07 -12.37 -47.76
N SER A 47 -0.32 -12.82 -46.54
CA SER A 47 -1.61 -13.38 -46.20
C SER A 47 -2.69 -12.30 -46.28
N PRO A 48 -3.92 -12.67 -46.63
CA PRO A 48 -4.94 -11.66 -46.92
C PRO A 48 -5.22 -10.74 -45.73
N VAL A 49 -5.41 -9.46 -46.05
CA VAL A 49 -5.79 -8.46 -45.06
C VAL A 49 -7.20 -8.72 -44.57
N GLN A 50 -7.43 -8.47 -43.29
CA GLN A 50 -8.78 -8.55 -42.72
C GLN A 50 -9.34 -7.15 -42.52
N GLU A 51 -10.67 -7.05 -42.51
CA GLU A 51 -11.31 -5.76 -42.39
C GLU A 51 -12.70 -5.92 -41.79
N PHE A 52 -13.11 -4.91 -41.03
CA PHE A 52 -14.45 -4.84 -40.45
C PHE A 52 -14.84 -3.38 -40.31
N THR A 53 -16.09 -3.14 -39.93
CA THR A 53 -16.62 -1.79 -39.81
C THR A 53 -17.19 -1.56 -38.42
N VAL A 54 -17.15 -0.32 -37.98
CA VAL A 54 -17.75 0.11 -36.71
C VAL A 54 -18.60 1.35 -36.98
N PRO A 55 -19.68 1.57 -36.24
CA PRO A 55 -20.54 2.73 -36.51
C PRO A 55 -19.81 4.04 -36.21
N GLY A 56 -20.27 5.09 -36.90
CA GLY A 56 -19.67 6.40 -36.74
C GLY A 56 -19.74 6.95 -35.33
N SER A 57 -20.67 6.46 -34.52
CA SER A 57 -20.76 6.92 -33.14
C SER A 57 -19.56 6.50 -32.32
N LYS A 58 -18.99 5.34 -32.61
CA LYS A 58 -17.92 4.78 -31.79
C LYS A 58 -16.56 5.15 -32.34
N SER A 59 -15.63 5.49 -31.44
CA SER A 59 -14.31 5.98 -31.81
C SER A 59 -13.19 5.02 -31.41
N THR A 60 -13.51 3.79 -31.03
CA THR A 60 -12.52 2.78 -30.71
C THR A 60 -12.87 1.46 -31.39
N ALA A 61 -11.89 0.57 -31.43
CA ALA A 61 -12.07 -0.73 -32.04
C ALA A 61 -11.08 -1.70 -31.40
N THR A 62 -11.54 -2.94 -31.18
CA THR A 62 -10.69 -4.03 -30.71
C THR A 62 -10.47 -5.01 -31.85
N ILE A 63 -9.22 -5.25 -32.19
CA ILE A 63 -8.82 -6.21 -33.21
C ILE A 63 -8.38 -7.48 -32.48
N SER A 64 -9.17 -8.54 -32.61
CA SER A 64 -8.95 -9.77 -31.86
C SER A 64 -8.49 -10.89 -32.78
N GLY A 65 -8.11 -12.00 -32.17
CA GLY A 65 -7.70 -13.18 -32.92
C GLY A 65 -6.38 -13.02 -33.65
N LEU A 66 -5.43 -12.30 -33.08
CA LEU A 66 -4.14 -12.09 -33.71
C LEU A 66 -3.12 -13.12 -33.21
N LYS A 67 -1.89 -12.97 -33.68
CA LYS A 67 -0.77 -13.79 -33.23
C LYS A 67 0.10 -13.00 -32.27
N PRO A 68 0.76 -13.68 -31.33
CA PRO A 68 1.60 -12.96 -30.37
C PRO A 68 2.99 -12.68 -30.92
N GLY A 69 3.56 -11.57 -30.47
CA GLY A 69 4.91 -11.21 -30.85
C GLY A 69 5.12 -10.87 -32.31
N VAL A 70 4.08 -10.44 -33.03
CA VAL A 70 4.20 -10.14 -34.44
C VAL A 70 3.74 -8.70 -34.69
N ASP A 71 4.39 -8.06 -35.66
CA ASP A 71 4.09 -6.68 -36.01
C ASP A 71 2.88 -6.63 -36.95
N TYR A 72 1.94 -5.76 -36.63
CA TYR A 72 0.73 -5.58 -37.43
C TYR A 72 0.66 -4.16 -37.96
N THR A 73 0.07 -4.01 -39.14
CA THR A 73 -0.27 -2.70 -39.70
C THR A 73 -1.78 -2.55 -39.65
N ILE A 74 -2.25 -1.48 -39.02
CA ILE A 74 -3.68 -1.19 -38.92
C ILE A 74 -3.97 0.08 -39.70
N THR A 75 -5.02 0.04 -40.52
CA THR A 75 -5.44 1.16 -41.36
C THR A 75 -6.92 1.44 -41.11
N VAL A 76 -7.25 2.72 -40.97
CA VAL A 76 -8.61 3.16 -40.69
C VAL A 76 -9.07 4.13 -41.78
N TYR A 77 -10.30 3.93 -42.26
CA TYR A 77 -10.95 4.80 -43.23
C TYR A 77 -12.25 5.32 -42.65
N ALA A 78 -12.59 6.57 -43.00
CA ALA A 78 -13.86 7.19 -42.61
C ALA A 78 -14.77 7.23 -43.84
N VAL A 79 -15.92 6.57 -43.74
CA VAL A 79 -16.88 6.50 -44.84
C VAL A 79 -18.02 7.47 -44.55
N THR A 80 -18.37 8.28 -45.55
CA THR A 80 -19.41 9.28 -45.39
C THR A 80 -20.57 9.13 -46.35
N GLY A 81 -20.33 8.58 -47.54
CA GLY A 81 -21.38 8.46 -48.55
C GLY A 81 -22.37 7.34 -48.25
N ARG A 82 -23.36 7.24 -49.15
CA ARG A 82 -24.40 6.22 -49.02
C ARG A 82 -24.37 5.27 -50.20
N PRO A 86 -19.01 3.40 -51.20
CA PRO A 86 -19.32 4.82 -51.05
C PRO A 86 -18.10 5.71 -51.24
N ALA A 87 -18.05 6.82 -50.51
CA ALA A 87 -16.95 7.77 -50.57
C ALA A 87 -16.05 7.54 -49.36
N SER A 88 -14.81 7.14 -49.62
CA SER A 88 -13.85 6.81 -48.58
C SER A 88 -12.87 7.96 -48.35
N SER A 89 -12.16 7.88 -47.23
CA SER A 89 -11.19 8.90 -46.84
C SER A 89 -9.79 8.49 -47.31
N LYS A 90 -8.82 9.36 -47.01
CA LYS A 90 -7.42 8.93 -47.09
C LYS A 90 -7.12 8.02 -45.91
N PRO A 91 -6.28 6.98 -46.11
CA PRO A 91 -6.00 6.06 -45.02
C PRO A 91 -5.11 6.69 -43.96
N ILE A 92 -5.45 6.42 -42.70
CA ILE A 92 -4.56 6.64 -41.56
C ILE A 92 -4.09 5.27 -41.09
N SER A 93 -2.79 5.14 -40.84
CA SER A 93 -2.22 3.83 -40.59
C SER A 93 -1.14 3.88 -39.52
N ILE A 94 -1.09 2.81 -38.71
CA ILE A 94 -0.07 2.65 -37.68
C ILE A 94 0.40 1.20 -37.71
N ASN A 95 1.58 0.97 -37.13
CA ASN A 95 2.08 -0.37 -36.94
C ASN A 95 2.36 -0.60 -35.46
N TYR A 96 2.09 -1.82 -35.00
CA TYR A 96 2.30 -2.19 -33.60
C TYR A 96 2.53 -3.70 -33.51
N ARG A 97 3.26 -4.10 -32.48
CA ARG A 97 3.59 -5.49 -32.25
C ARG A 97 2.82 -6.01 -31.05
N THR A 98 2.21 -7.19 -31.21
CA THR A 98 1.48 -7.80 -30.10
C THR A 98 2.44 -8.29 -29.02
N GLU A 99 1.89 -8.50 -27.83
CA GLU A 99 2.69 -8.99 -26.71
C GLU A 99 3.10 -10.44 -26.92
N ILE A 100 4.33 -10.77 -26.52
CA ILE A 100 4.83 -12.12 -26.76
C ILE A 100 4.02 -13.14 -25.96
N ASP A 101 3.94 -14.36 -26.50
CA ASP A 101 3.18 -15.41 -25.86
C ASP A 101 3.87 -15.88 -24.57
N LYS A 102 3.09 -16.49 -23.69
CA LYS A 102 3.55 -17.02 -22.42
C LYS A 102 3.87 -18.50 -22.52
N PRO A 103 4.73 -19.02 -21.64
CA PRO A 103 4.89 -20.48 -21.55
C PRO A 103 3.58 -21.14 -21.17
N SER A 104 3.48 -22.44 -21.44
CA SER A 104 2.25 -23.17 -21.18
C SER A 104 2.52 -24.44 -20.39
N GLN A 105 1.42 -25.07 -19.95
CA GLN A 105 1.35 -26.25 -19.09
C GLN A 105 2.58 -26.44 -18.21
N MET A 106 2.56 -25.79 -17.05
CA MET A 106 3.61 -25.96 -16.08
C MET A 106 3.33 -27.20 -15.24
N GLN A 107 4.40 -27.91 -14.90
CA GLN A 107 4.32 -29.08 -14.04
C GLN A 107 5.11 -28.84 -12.77
N VAL A 108 4.58 -29.31 -11.65
CA VAL A 108 5.35 -29.37 -10.41
C VAL A 108 5.93 -30.78 -10.30
N THR A 109 7.26 -30.86 -10.39
CA THR A 109 7.94 -32.14 -10.48
C THR A 109 8.53 -32.61 -9.15
N ASP A 110 8.54 -31.75 -8.13
CA ASP A 110 9.13 -32.08 -6.83
C ASP A 110 8.61 -31.07 -5.81
N VAL A 111 8.23 -31.56 -4.63
CA VAL A 111 7.71 -30.72 -3.56
C VAL A 111 8.31 -31.20 -2.25
N GLN A 112 9.00 -30.31 -1.55
CA GLN A 112 9.59 -30.62 -0.26
C GLN A 112 9.05 -29.64 0.78
N ASP A 113 9.70 -29.61 1.94
CA ASP A 113 9.30 -28.71 3.00
C ASP A 113 9.87 -27.31 2.84
N ASN A 114 10.88 -27.15 1.97
CA ASN A 114 11.52 -25.85 1.81
C ASN A 114 11.83 -25.51 0.35
N SER A 115 11.28 -26.25 -0.61
CA SER A 115 11.56 -25.99 -2.01
C SER A 115 10.43 -26.52 -2.86
N ILE A 116 10.33 -25.98 -4.08
CA ILE A 116 9.39 -26.45 -5.09
C ILE A 116 10.11 -26.42 -6.43
N SER A 117 9.90 -27.47 -7.23
CA SER A 117 10.53 -27.59 -8.53
C SER A 117 9.45 -27.62 -9.60
N VAL A 118 9.69 -26.92 -10.71
CA VAL A 118 8.70 -26.75 -11.76
C VAL A 118 9.36 -26.94 -13.12
N LYS A 119 8.54 -27.35 -14.09
CA LYS A 119 8.95 -27.53 -15.47
C LYS A 119 7.85 -26.97 -16.35
N TRP A 120 8.22 -26.30 -17.44
CA TRP A 120 7.25 -25.62 -18.29
C TRP A 120 7.65 -25.79 -19.74
N LEU A 121 6.65 -25.62 -20.65
CA LEU A 121 6.89 -25.61 -22.08
C LEU A 121 7.34 -24.21 -22.54
N PRO A 122 8.36 -24.12 -23.41
CA PRO A 122 8.85 -22.80 -23.82
C PRO A 122 7.79 -22.00 -24.55
N SER A 123 7.88 -20.67 -24.43
CA SER A 123 7.02 -19.82 -25.22
C SER A 123 7.34 -19.97 -26.71
N SER A 124 6.34 -19.65 -27.54
CA SER A 124 6.53 -19.72 -28.98
C SER A 124 7.31 -18.53 -29.52
N SER A 125 7.21 -17.38 -28.87
CA SER A 125 7.94 -16.20 -29.28
C SER A 125 9.45 -16.40 -29.07
N PRO A 126 10.28 -15.64 -29.77
CA PRO A 126 11.70 -15.60 -29.41
C PRO A 126 11.87 -15.00 -28.02
N VAL A 127 12.63 -15.70 -27.18
CA VAL A 127 12.75 -15.36 -25.77
C VAL A 127 14.23 -15.22 -25.41
N THR A 128 14.55 -14.21 -24.62
CA THR A 128 15.92 -13.99 -24.15
C THR A 128 16.17 -14.58 -22.77
N GLY A 129 15.15 -15.11 -22.11
CA GLY A 129 15.29 -15.64 -20.78
C GLY A 129 13.94 -15.67 -20.10
N TYR A 130 13.95 -16.12 -18.85
CA TYR A 130 12.74 -16.22 -18.04
C TYR A 130 12.94 -15.55 -16.70
N ARG A 131 11.84 -15.03 -16.15
CA ARG A 131 11.80 -14.49 -14.79
C ARG A 131 10.73 -15.25 -14.03
N VAL A 132 11.09 -15.83 -12.90
CA VAL A 132 10.19 -16.68 -12.12
C VAL A 132 10.06 -16.10 -10.74
N THR A 133 8.83 -15.84 -10.32
CA THR A 133 8.53 -15.30 -9.00
C THR A 133 7.80 -16.36 -8.18
N THR A 134 8.10 -16.39 -6.88
CA THR A 134 7.44 -17.29 -5.94
C THR A 134 7.01 -16.44 -4.75
N THR A 135 5.70 -16.44 -4.46
CA THR A 135 5.17 -15.69 -3.34
C THR A 135 4.05 -16.48 -2.70
N PRO A 136 3.85 -16.34 -1.38
CA PRO A 136 2.76 -17.07 -0.72
C PRO A 136 1.40 -16.59 -1.22
N LYS A 137 0.51 -17.55 -1.45
CA LYS A 137 -0.81 -17.22 -2.01
C LYS A 137 -1.61 -16.32 -1.07
N ASN A 138 -1.56 -16.58 0.23
CA ASN A 138 -2.40 -15.84 1.19
C ASN A 138 -1.57 -15.07 2.21
N GLY A 139 -0.68 -15.74 2.94
CA GLY A 139 0.16 -15.09 3.91
C GLY A 139 1.01 -14.00 3.29
N PRO A 140 0.95 -12.80 3.84
CA PRO A 140 1.70 -11.67 3.25
C PRO A 140 3.20 -11.80 3.46
N GLY A 141 3.86 -12.59 2.62
CA GLY A 141 5.29 -12.79 2.71
C GLY A 141 6.04 -12.14 1.56
N PRO A 142 7.35 -12.36 1.49
CA PRO A 142 8.16 -11.77 0.44
C PRO A 142 8.00 -12.49 -0.89
N THR A 143 8.41 -11.83 -1.96
CA THR A 143 8.38 -12.39 -3.31
C THR A 143 9.81 -12.68 -3.74
N LYS A 144 10.13 -13.97 -3.92
CA LYS A 144 11.44 -14.39 -4.40
C LYS A 144 11.45 -14.39 -5.92
N THR A 145 12.56 -13.94 -6.51
CA THR A 145 12.70 -13.85 -7.96
C THR A 145 13.97 -14.58 -8.40
N LYS A 146 13.83 -15.43 -9.42
CA LYS A 146 14.95 -16.16 -10.01
C LYS A 146 14.87 -16.03 -11.52
N THR A 147 16.02 -15.99 -12.17
CA THR A 147 16.11 -15.80 -13.61
C THR A 147 16.63 -17.06 -14.28
N ALA A 148 16.04 -17.42 -15.41
CA ALA A 148 16.43 -18.59 -16.18
C ALA A 148 16.80 -18.19 -17.60
N GLY A 149 17.73 -18.94 -18.18
CA GLY A 149 18.18 -18.69 -19.53
C GLY A 149 17.11 -18.99 -20.56
N PRO A 150 17.36 -18.62 -21.82
CA PRO A 150 16.32 -18.76 -22.85
C PRO A 150 15.96 -20.20 -23.15
N ASP A 151 16.94 -21.11 -23.13
CA ASP A 151 16.71 -22.52 -23.40
C ASP A 151 16.41 -23.33 -22.14
N GLN A 152 16.26 -22.68 -20.99
CA GLN A 152 15.90 -23.39 -19.77
C GLN A 152 14.42 -23.71 -19.77
N THR A 153 14.06 -24.85 -19.17
CA THR A 153 12.68 -25.26 -19.06
C THR A 153 12.29 -25.72 -17.65
N GLU A 154 13.23 -25.72 -16.70
CA GLU A 154 12.98 -26.21 -15.35
C GLU A 154 13.69 -25.32 -14.34
N MET A 155 13.13 -25.24 -13.13
CA MET A 155 13.73 -24.43 -12.08
C MET A 155 13.36 -25.01 -10.71
N THR A 156 14.26 -24.86 -9.75
CA THR A 156 14.02 -25.21 -8.35
C THR A 156 14.14 -23.96 -7.51
N ILE A 157 13.08 -23.62 -6.77
CA ILE A 157 13.03 -22.46 -5.89
C ILE A 157 13.26 -22.96 -4.46
N GLU A 158 14.47 -22.79 -3.94
CA GLU A 158 14.77 -23.16 -2.57
C GLU A 158 14.40 -22.02 -1.61
N GLY A 159 14.59 -22.26 -0.32
CA GLY A 159 14.36 -21.22 0.67
C GLY A 159 12.92 -20.95 1.02
N LEU A 160 12.06 -21.97 0.99
CA LEU A 160 10.64 -21.81 1.23
C LEU A 160 10.27 -22.29 2.63
N GLN A 161 9.00 -22.10 2.98
CA GLN A 161 8.49 -22.44 4.30
C GLN A 161 7.58 -23.66 4.23
N PRO A 162 7.52 -24.46 5.30
CA PRO A 162 6.69 -25.68 5.27
C PRO A 162 5.21 -25.34 5.32
N THR A 163 4.42 -26.29 4.80
CA THR A 163 2.97 -26.21 4.58
C THR A 163 2.49 -24.79 4.30
N VAL A 164 3.02 -24.24 3.22
CA VAL A 164 2.60 -22.94 2.71
C VAL A 164 2.25 -23.12 1.23
N GLU A 165 1.10 -22.59 0.84
CA GLU A 165 0.73 -22.58 -0.57
C GLU A 165 1.44 -21.43 -1.26
N TYR A 166 2.32 -21.75 -2.20
CA TYR A 166 3.06 -20.73 -2.93
C TYR A 166 2.48 -20.57 -4.33
N VAL A 167 2.51 -19.34 -4.81
CA VAL A 167 2.17 -19.02 -6.19
C VAL A 167 3.45 -18.87 -6.98
N VAL A 168 3.56 -19.63 -8.07
CA VAL A 168 4.73 -19.61 -8.94
C VAL A 168 4.31 -19.03 -10.28
N SER A 169 4.96 -17.93 -10.67
CA SER A 169 4.67 -17.25 -11.93
C SER A 169 5.92 -17.22 -12.80
N VAL A 170 5.78 -17.63 -14.06
CA VAL A 170 6.88 -17.64 -15.03
C VAL A 170 6.61 -16.58 -16.09
N TYR A 171 7.59 -15.70 -16.31
CA TYR A 171 7.51 -14.63 -17.30
C TYR A 171 8.54 -14.87 -18.39
N ALA A 172 8.10 -14.91 -19.64
CA ALA A 172 9.02 -14.95 -20.76
C ALA A 172 9.57 -13.56 -21.03
N GLN A 173 10.90 -13.45 -21.17
CA GLN A 173 11.56 -12.17 -21.36
C GLN A 173 11.84 -11.94 -22.84
N ASN A 174 11.70 -10.69 -23.26
CA ASN A 174 11.86 -10.28 -24.65
C ASN A 174 12.03 -8.77 -24.72
N PRO A 175 12.91 -8.26 -25.59
CA PRO A 175 13.08 -6.80 -25.69
C PRO A 175 11.80 -6.06 -26.07
N SER A 176 10.89 -6.70 -26.80
CA SER A 176 9.66 -6.05 -27.24
C SER A 176 8.56 -6.23 -26.20
N GLY A 177 8.94 -6.34 -24.94
CA GLY A 177 7.97 -6.54 -23.88
C GLY A 177 8.04 -7.95 -23.32
N GLU A 178 7.63 -8.08 -22.07
CA GLU A 178 7.64 -9.34 -21.35
C GLU A 178 6.26 -9.98 -21.44
N SER A 179 6.22 -11.31 -21.34
CA SER A 179 4.96 -12.02 -21.47
C SER A 179 4.11 -11.86 -20.20
N GLN A 180 2.84 -12.25 -20.32
CA GLN A 180 2.02 -12.45 -19.14
C GLN A 180 2.45 -13.72 -18.42
N PRO A 181 2.26 -13.81 -17.10
CA PRO A 181 2.81 -14.94 -16.35
C PRO A 181 2.02 -16.22 -16.53
N LEU A 182 2.75 -17.33 -16.57
CA LEU A 182 2.17 -18.66 -16.39
C LEU A 182 2.16 -18.98 -14.90
N VAL A 183 0.98 -19.23 -14.36
CA VAL A 183 0.76 -19.23 -12.92
C VAL A 183 0.33 -20.62 -12.46
N GLN A 184 0.94 -21.10 -11.37
CA GLN A 184 0.55 -22.35 -10.74
C GLN A 184 0.86 -22.28 -9.26
N THR A 185 -0.02 -22.87 -8.44
CA THR A 185 0.16 -22.95 -7.00
C THR A 185 0.65 -24.34 -6.60
N ALA A 186 1.31 -24.41 -5.45
CA ALA A 186 1.79 -25.65 -4.88
C ALA A 186 1.97 -25.46 -3.38
N VAL A 187 1.88 -26.55 -2.62
CA VAL A 187 2.00 -26.52 -1.16
C VAL A 187 3.20 -27.33 -0.74
N THR A 188 4.08 -26.71 0.06
CA THR A 188 5.24 -27.40 0.61
C THR A 188 4.82 -28.41 1.68
N THR A 189 5.60 -29.48 1.81
CA THR A 189 5.34 -30.53 2.77
C THR A 189 5.82 -30.10 4.17
N ILE A 190 5.92 -31.04 5.09
CA ILE A 190 6.28 -30.72 6.48
C ILE A 190 7.66 -31.28 6.79
N PRO A 191 8.44 -30.62 7.67
CA PRO A 191 9.78 -31.11 7.98
C PRO A 191 9.73 -32.47 8.66
N ALA A 192 10.84 -33.19 8.58
CA ALA A 192 10.92 -34.51 9.17
C ALA A 192 11.16 -34.41 10.67
N PRO A 193 10.73 -35.42 11.44
CA PRO A 193 11.13 -35.48 12.85
C PRO A 193 12.64 -35.61 12.97
N THR A 194 13.21 -34.83 13.88
CA THR A 194 14.66 -34.76 14.06
C THR A 194 15.11 -35.69 15.18
N ASP A 195 16.31 -36.25 15.02
CA ASP A 195 17.01 -37.01 16.06
C ASP A 195 16.20 -38.22 16.54
N LEU A 196 15.92 -39.13 15.62
CA LEU A 196 15.27 -40.39 15.99
C LEU A 196 16.27 -41.20 16.80
N LYS A 197 16.07 -41.24 18.11
CA LYS A 197 16.99 -41.88 19.04
C LYS A 197 16.32 -43.09 19.67
N PHE A 198 17.01 -44.23 19.65
CA PHE A 198 16.53 -45.45 20.28
C PHE A 198 16.98 -45.48 21.73
N THR A 199 16.03 -45.60 22.66
CA THR A 199 16.30 -45.47 24.08
C THR A 199 16.37 -46.80 24.81
N GLN A 200 15.67 -47.82 24.32
CA GLN A 200 15.55 -49.06 25.09
C GLN A 200 15.10 -50.19 24.18
N GLY A 201 15.59 -51.38 24.46
CA GLY A 201 15.13 -52.58 23.79
C GLY A 201 15.01 -53.70 24.79
N THR A 202 14.01 -54.55 24.58
CA THR A 202 13.79 -55.76 25.36
C THR A 202 13.64 -56.91 24.36
N PRO A 203 13.45 -58.17 24.80
CA PRO A 203 13.23 -59.25 23.85
C PRO A 203 12.18 -58.95 22.77
N THR A 204 11.03 -58.40 23.15
CA THR A 204 9.95 -58.16 22.20
C THR A 204 9.54 -56.70 22.06
N SER A 205 10.26 -55.76 22.66
CA SER A 205 9.86 -54.35 22.64
C SER A 205 10.91 -53.51 21.91
N LEU A 206 10.50 -52.27 21.62
CA LEU A 206 11.40 -51.29 21.02
C LEU A 206 10.92 -49.92 21.46
N SER A 207 11.85 -49.07 21.88
CA SER A 207 11.52 -47.75 22.40
C SER A 207 12.32 -46.69 21.64
N ALA A 208 11.63 -45.71 21.11
CA ALA A 208 12.25 -44.67 20.30
C ALA A 208 11.66 -43.33 20.64
N GLN A 209 12.50 -42.30 20.64
CA GLN A 209 12.04 -40.93 20.85
C GLN A 209 12.62 -40.03 19.76
N TRP A 210 11.99 -38.88 19.56
CA TRP A 210 12.38 -37.98 18.49
C TRP A 210 12.03 -36.54 18.85
N THR A 211 12.54 -35.63 18.04
CA THR A 211 12.16 -34.23 18.11
C THR A 211 11.10 -33.95 17.07
N PRO A 212 9.99 -33.30 17.43
CA PRO A 212 8.95 -33.04 16.43
C PRO A 212 9.37 -31.92 15.49
N PRO A 213 8.81 -31.89 14.29
CA PRO A 213 9.04 -30.75 13.40
C PRO A 213 8.41 -29.48 13.96
N ASN A 214 8.71 -28.36 13.31
CA ASN A 214 8.37 -27.06 13.86
C ASN A 214 7.04 -26.50 13.32
N VAL A 215 6.15 -27.37 12.85
CA VAL A 215 4.80 -26.95 12.48
C VAL A 215 3.80 -27.92 13.10
N GLN A 216 2.60 -27.39 13.39
CA GLN A 216 1.55 -28.17 14.03
C GLN A 216 1.14 -29.35 13.16
N LEU A 217 1.01 -30.52 13.77
CA LEU A 217 0.71 -31.75 13.06
C LEU A 217 -0.65 -32.29 13.49
N THR A 218 -1.15 -33.23 12.69
CA THR A 218 -2.36 -33.97 13.01
C THR A 218 -2.08 -35.34 13.61
N GLY A 219 -0.84 -35.79 13.58
CA GLY A 219 -0.49 -37.08 14.16
C GLY A 219 0.81 -37.61 13.56
N TYR A 220 1.13 -38.83 13.95
CA TYR A 220 2.32 -39.53 13.46
C TYR A 220 1.93 -40.92 13.00
N ARG A 221 2.72 -41.47 12.09
CA ARG A 221 2.62 -42.87 11.68
C ARG A 221 3.99 -43.50 11.81
N VAL A 222 4.06 -44.57 12.59
CA VAL A 222 5.28 -45.35 12.79
C VAL A 222 5.06 -46.73 12.20
N ARG A 223 6.04 -47.22 11.46
CA ARG A 223 6.02 -48.59 10.96
C ARG A 223 7.38 -49.23 11.17
N VAL A 224 7.34 -50.50 11.58
CA VAL A 224 8.56 -51.28 11.85
C VAL A 224 8.52 -52.58 11.06
N THR A 225 9.59 -52.84 10.31
CA THR A 225 9.64 -53.99 9.45
C THR A 225 10.98 -54.68 9.60
N PRO A 226 10.99 -56.00 9.60
CA PRO A 226 12.28 -56.72 9.60
C PRO A 226 12.97 -56.56 8.25
N LYS A 227 14.28 -56.33 8.31
CA LYS A 227 15.05 -56.08 7.09
C LYS A 227 15.37 -57.36 6.35
N GLU A 228 15.78 -58.41 7.06
CA GLU A 228 16.22 -59.63 6.42
C GLU A 228 15.36 -60.84 6.78
N LYS A 229 15.00 -61.01 8.05
CA LYS A 229 14.03 -62.02 8.40
C LYS A 229 12.64 -61.58 7.98
N THR A 230 11.67 -62.49 8.11
CA THR A 230 10.29 -62.15 7.79
C THR A 230 9.36 -62.66 8.88
N GLY A 231 8.24 -61.95 9.03
CA GLY A 231 7.27 -62.21 10.06
C GLY A 231 6.31 -61.04 10.11
N PRO A 232 5.37 -61.05 11.06
CA PRO A 232 4.43 -59.93 11.15
C PRO A 232 5.16 -58.62 11.40
N MET A 233 4.66 -57.55 10.79
CA MET A 233 5.17 -56.21 11.00
C MET A 233 4.05 -55.31 11.50
N LYS A 234 4.43 -54.18 12.08
CA LYS A 234 3.52 -53.34 12.84
C LYS A 234 3.46 -51.93 12.25
N GLU A 235 2.26 -51.35 12.29
CA GLU A 235 2.04 -49.94 12.02
C GLU A 235 1.28 -49.34 13.19
N ILE A 236 1.68 -48.15 13.63
CA ILE A 236 1.04 -47.47 14.75
C ILE A 236 0.73 -46.04 14.33
N ASN A 237 -0.46 -45.58 14.69
CA ASN A 237 -0.84 -44.18 14.48
C ASN A 237 -0.79 -43.46 15.82
N LEU A 238 -0.13 -42.32 15.87
CA LEU A 238 0.08 -41.61 17.12
C LEU A 238 -0.65 -40.28 17.08
N ALA A 239 -0.89 -39.76 18.28
CA ALA A 239 -1.43 -38.43 18.45
C ALA A 239 -0.36 -37.41 18.11
N PRO A 240 -0.76 -36.18 17.75
CA PRO A 240 0.24 -35.14 17.45
C PRO A 240 1.14 -34.82 18.62
N ASP A 241 0.66 -34.94 19.85
CA ASP A 241 1.43 -34.59 21.05
C ASP A 241 2.27 -35.77 21.52
N SER A 242 3.02 -36.37 20.59
CA SER A 242 3.84 -37.53 20.87
C SER A 242 5.29 -37.22 20.54
N SER A 243 6.19 -37.59 21.44
CA SER A 243 7.63 -37.44 21.28
C SER A 243 8.36 -38.77 21.40
N SER A 244 7.64 -39.86 21.60
CA SER A 244 8.24 -41.17 21.80
C SER A 244 7.22 -42.24 21.44
N VAL A 245 7.72 -43.45 21.17
CA VAL A 245 6.87 -44.59 20.87
C VAL A 245 7.51 -45.84 21.45
N VAL A 246 6.67 -46.81 21.79
CA VAL A 246 7.12 -48.14 22.22
C VAL A 246 6.31 -49.17 21.44
N VAL A 247 7.01 -49.98 20.64
CA VAL A 247 6.38 -50.97 19.77
C VAL A 247 6.58 -52.35 20.36
N SER A 248 5.48 -53.07 20.56
CA SER A 248 5.51 -54.36 21.24
C SER A 248 5.35 -55.50 20.24
N GLY A 249 5.14 -56.70 20.77
CA GLY A 249 4.84 -57.87 19.96
C GLY A 249 5.82 -58.13 18.84
N LEU A 250 7.10 -57.83 19.08
CA LEU A 250 8.11 -58.05 18.07
C LEU A 250 8.74 -59.44 18.25
N MET A 251 9.68 -59.76 17.38
CA MET A 251 10.44 -61.00 17.43
C MET A 251 11.81 -60.77 18.06
N VAL A 252 12.36 -61.83 18.63
CA VAL A 252 13.64 -61.74 19.32
C VAL A 252 14.76 -61.89 18.32
N ALA A 253 15.88 -61.22 18.59
CA ALA A 253 17.10 -61.30 17.77
C ALA A 253 16.81 -60.94 16.31
N THR A 254 15.95 -59.94 16.11
CA THR A 254 15.49 -59.56 14.79
C THR A 254 15.92 -58.14 14.49
N LYS A 255 16.45 -57.91 13.29
CA LYS A 255 16.79 -56.58 12.83
C LYS A 255 15.51 -55.90 12.33
N TYR A 256 15.10 -54.83 13.00
CA TYR A 256 13.88 -54.10 12.67
C TYR A 256 14.23 -52.69 12.23
N GLU A 257 13.74 -52.31 11.05
CA GLU A 257 13.79 -50.92 10.60
C GLU A 257 12.59 -50.16 11.16
N VAL A 258 12.87 -48.97 11.70
CA VAL A 258 11.86 -48.10 12.32
C VAL A 258 11.84 -46.78 11.55
N SER A 259 10.63 -46.33 11.19
CA SER A 259 10.48 -45.06 10.50
C SER A 259 9.25 -44.33 11.01
N VAL A 260 9.39 -43.03 11.21
CA VAL A 260 8.33 -42.18 11.74
C VAL A 260 7.98 -41.12 10.72
N TYR A 261 6.71 -41.10 10.31
CA TYR A 261 6.21 -40.11 9.36
C TYR A 261 5.33 -39.12 10.10
N ALA A 262 5.62 -37.83 9.94
CA ALA A 262 4.76 -36.79 10.50
C ALA A 262 3.61 -36.51 9.56
N LEU A 263 2.43 -36.24 10.13
CA LEU A 263 1.20 -36.10 9.35
C LEU A 263 0.52 -34.77 9.65
N LYS A 264 0.10 -34.09 8.58
CA LYS A 264 -0.72 -32.88 8.66
C LYS A 264 -1.80 -33.03 7.59
N ASP A 265 -2.91 -33.67 7.96
CA ASP A 265 -4.00 -33.98 7.05
C ASP A 265 -3.48 -34.75 5.84
N THR A 266 -3.46 -34.10 4.67
CA THR A 266 -2.94 -34.71 3.45
C THR A 266 -1.42 -34.64 3.36
N LEU A 267 -0.78 -33.82 4.19
CA LEU A 267 0.67 -33.61 4.12
C LEU A 267 1.41 -34.66 4.93
N THR A 268 2.35 -35.35 4.28
CA THR A 268 3.15 -36.40 4.92
C THR A 268 4.62 -36.02 4.86
N SER A 269 5.27 -36.08 6.02
CA SER A 269 6.69 -35.76 6.12
C SER A 269 7.53 -36.85 5.48
N ARG A 270 8.79 -36.51 5.18
CA ARG A 270 9.73 -37.57 4.87
C ARG A 270 10.17 -38.27 6.16
N PRO A 271 10.33 -39.59 6.14
CA PRO A 271 10.50 -40.33 7.40
C PRO A 271 11.81 -39.98 8.09
N ALA A 272 11.75 -40.00 9.42
CA ALA A 272 12.94 -40.13 10.24
C ALA A 272 13.15 -41.62 10.47
N GLN A 273 14.24 -42.15 9.91
CA GLN A 273 14.48 -43.59 9.90
C GLN A 273 15.68 -43.98 10.76
N GLY A 274 15.59 -45.20 11.27
CA GLY A 274 16.69 -45.88 11.94
C GLY A 274 16.39 -47.37 11.94
N VAL A 275 17.41 -48.15 12.32
CA VAL A 275 17.25 -49.59 12.44
C VAL A 275 17.92 -50.05 13.72
N VAL A 276 17.34 -51.08 14.34
CA VAL A 276 17.79 -51.57 15.63
C VAL A 276 17.35 -53.01 15.75
N THR A 277 18.12 -53.81 16.49
CA THR A 277 17.81 -55.22 16.69
C THR A 277 17.30 -55.44 18.12
N THR A 278 16.34 -56.35 18.26
CA THR A 278 15.79 -56.64 19.58
C THR A 278 16.76 -57.50 20.38
N LEU A 279 16.51 -57.58 21.69
CA LEU A 279 17.38 -58.31 22.60
C LEU A 279 17.29 -59.82 22.36
N GLU A 280 18.27 -60.53 22.91
CA GLU A 280 18.37 -61.98 22.79
C GLU A 280 17.32 -62.69 23.64
N SER B 6 -8.19 54.98 -3.16
CA SER B 6 -7.45 55.91 -2.33
C SER B 6 -6.13 55.30 -1.85
N ASP B 7 -5.66 55.73 -0.67
CA ASP B 7 -4.45 55.19 -0.08
C ASP B 7 -4.71 54.10 0.95
N VAL B 8 -5.97 53.83 1.26
CA VAL B 8 -6.27 52.81 2.28
C VAL B 8 -6.01 51.43 1.68
N PRO B 9 -5.43 50.50 2.42
CA PRO B 9 -5.36 49.12 1.92
C PRO B 9 -6.76 48.56 1.75
N ARG B 10 -6.90 47.64 0.78
CA ARG B 10 -8.21 47.09 0.45
C ARG B 10 -8.17 45.57 0.51
N ASP B 11 -9.32 44.99 0.84
CA ASP B 11 -9.48 43.54 0.92
C ASP B 11 -8.41 42.90 1.80
N LEU B 12 -8.29 43.40 3.02
CA LEU B 12 -7.42 42.78 4.00
C LEU B 12 -8.00 41.44 4.42
N GLU B 13 -7.17 40.41 4.43
CA GLU B 13 -7.62 39.07 4.80
C GLU B 13 -6.47 38.31 5.43
N VAL B 14 -6.83 37.33 6.28
CA VAL B 14 -5.86 36.39 6.81
C VAL B 14 -5.86 35.17 5.90
N VAL B 15 -4.68 34.72 5.52
CA VAL B 15 -4.55 33.62 4.57
C VAL B 15 -4.29 32.29 5.26
N ALA B 16 -3.88 32.29 6.53
CA ALA B 16 -3.62 31.05 7.24
C ALA B 16 -3.73 31.30 8.73
N ALA B 17 -4.62 30.57 9.40
CA ALA B 17 -4.83 30.68 10.83
C ALA B 17 -4.21 29.49 11.56
N THR B 18 -3.57 29.77 12.67
CA THR B 18 -2.86 28.83 13.53
C THR B 18 -3.36 29.03 14.96
N PRO B 19 -3.33 28.00 15.81
CA PRO B 19 -3.61 28.25 17.24
C PRO B 19 -2.85 29.43 17.84
N THR B 20 -1.69 29.79 17.29
CA THR B 20 -0.87 30.84 17.86
C THR B 20 -0.52 31.93 16.85
N SER B 21 -0.99 31.83 15.61
CA SER B 21 -0.58 32.74 14.55
C SER B 21 -1.77 33.12 13.69
N LEU B 22 -1.67 34.31 13.10
CA LEU B 22 -2.53 34.76 12.02
C LEU B 22 -1.64 35.44 10.98
N LEU B 23 -1.74 35.01 9.73
CA LEU B 23 -0.98 35.56 8.61
C LEU B 23 -1.95 36.36 7.75
N ILE B 24 -1.87 37.68 7.84
CA ILE B 24 -2.79 38.55 7.13
C ILE B 24 -2.14 39.04 5.85
N SER B 25 -2.98 39.47 4.90
CA SER B 25 -2.53 40.06 3.65
C SER B 25 -3.53 41.13 3.24
N TRP B 26 -3.04 42.10 2.47
CA TRP B 26 -3.87 43.18 1.94
C TRP B 26 -3.40 43.51 0.53
N ASP B 27 -4.16 44.37 -0.15
CA ASP B 27 -3.80 44.80 -1.49
C ASP B 27 -2.80 45.96 -1.41
N ALA B 28 -1.67 45.81 -2.09
CA ALA B 28 -0.68 46.88 -2.13
C ALA B 28 -1.19 48.04 -2.95
N PRO B 29 -1.30 49.23 -2.39
CA PRO B 29 -1.81 50.39 -3.16
C PRO B 29 -0.81 50.84 -4.22
N ALA B 30 -1.33 51.54 -5.23
CA ALA B 30 -0.48 52.09 -6.27
C ALA B 30 0.35 53.25 -5.73
N VAL B 31 -0.21 54.03 -4.84
CA VAL B 31 0.53 55.10 -4.21
C VAL B 31 1.61 54.52 -3.32
N THR B 32 2.75 55.22 -3.27
CA THR B 32 3.85 54.79 -2.44
C THR B 32 3.47 54.93 -0.96
N VAL B 33 3.83 53.91 -0.17
CA VAL B 33 3.50 53.84 1.25
C VAL B 33 4.79 53.81 2.04
N ARG B 34 4.86 54.61 3.10
CA ARG B 34 6.03 54.63 3.97
C ARG B 34 6.11 53.34 4.79
N TYR B 35 5.07 53.05 5.56
CA TYR B 35 4.98 51.80 6.32
C TYR B 35 3.53 51.60 6.76
N TYR B 36 3.25 50.40 7.24
CA TYR B 36 1.92 50.01 7.70
C TYR B 36 1.92 49.82 9.21
N ARG B 37 0.72 49.87 9.80
CA ARG B 37 0.54 49.70 11.23
C ARG B 37 -0.58 48.72 11.51
N ILE B 38 -0.29 47.65 12.24
CA ILE B 38 -1.18 46.50 12.38
C ILE B 38 -1.53 46.37 13.86
N THR B 39 -2.68 46.92 14.26
CA THR B 39 -3.19 46.73 15.61
C THR B 39 -4.06 45.49 15.69
N TYR B 40 -4.03 44.82 16.84
CA TYR B 40 -4.80 43.60 17.00
C TYR B 40 -5.11 43.36 18.48
N GLY B 41 -6.31 42.85 18.74
CA GLY B 41 -6.76 42.55 20.09
C GLY B 41 -8.03 41.73 20.06
N GLU B 42 -8.40 41.22 21.23
CA GLU B 42 -9.61 40.40 21.33
C GLU B 42 -10.86 41.19 20.99
N THR B 43 -11.80 40.52 20.33
CA THR B 43 -13.14 41.08 20.15
C THR B 43 -13.81 41.14 21.53
N GLY B 44 -13.88 42.34 22.10
CA GLY B 44 -14.54 42.53 23.37
C GLY B 44 -13.68 42.29 24.58
N GLY B 45 -12.37 42.44 24.47
CA GLY B 45 -11.47 42.24 25.58
C GLY B 45 -10.78 43.54 25.96
N ASN B 46 -10.64 43.76 27.26
CA ASN B 46 -10.00 44.97 27.78
C ASN B 46 -8.49 44.85 27.86
N SER B 47 -7.92 43.73 27.41
CA SER B 47 -6.47 43.61 27.36
C SER B 47 -5.90 44.67 26.42
N PRO B 48 -4.70 45.17 26.69
CA PRO B 48 -4.11 46.19 25.82
C PRO B 48 -3.82 45.64 24.44
N VAL B 49 -4.06 46.48 23.42
CA VAL B 49 -3.83 46.10 22.03
C VAL B 49 -2.35 46.19 21.71
N GLN B 50 -1.86 45.24 20.92
CA GLN B 50 -0.47 45.24 20.52
C GLN B 50 -0.30 45.95 19.18
N GLU B 51 0.96 46.24 18.83
CA GLU B 51 1.26 47.17 17.75
C GLU B 51 2.60 46.83 17.12
N PHE B 52 2.64 46.76 15.79
CA PHE B 52 3.93 46.72 15.10
C PHE B 52 3.77 47.31 13.71
N THR B 53 4.91 47.61 13.07
CA THR B 53 4.95 48.22 11.76
C THR B 53 5.77 47.36 10.80
N VAL B 54 5.36 47.34 9.54
CA VAL B 54 6.11 46.65 8.48
C VAL B 54 6.40 47.64 7.36
N PRO B 55 7.52 47.53 6.66
CA PRO B 55 7.84 48.51 5.63
C PRO B 55 6.82 48.50 4.51
N GLY B 56 6.83 49.56 3.70
CA GLY B 56 5.89 49.69 2.62
C GLY B 56 6.10 48.73 1.48
N SER B 57 7.25 48.03 1.44
CA SER B 57 7.46 47.06 0.37
C SER B 57 6.61 45.82 0.58
N LYS B 58 6.37 45.42 1.82
CA LYS B 58 5.67 44.17 2.07
C LYS B 58 4.17 44.36 2.07
N SER B 59 3.46 43.36 1.56
CA SER B 59 2.01 43.35 1.50
C SER B 59 1.40 42.29 2.39
N THR B 60 2.16 41.74 3.33
CA THR B 60 1.68 40.72 4.24
C THR B 60 2.34 40.89 5.60
N ALA B 61 1.75 40.26 6.61
CA ALA B 61 2.26 40.38 7.98
C ALA B 61 1.83 39.17 8.80
N THR B 62 2.70 38.73 9.71
CA THR B 62 2.42 37.62 10.62
C THR B 62 2.29 38.15 12.05
N ILE B 63 1.17 37.83 12.68
CA ILE B 63 0.89 38.23 14.05
C ILE B 63 1.21 37.04 14.96
N SER B 64 2.14 37.24 15.89
CA SER B 64 2.73 36.16 16.67
C SER B 64 2.39 36.25 18.16
N GLY B 65 2.39 35.08 18.79
CA GLY B 65 2.26 34.95 20.23
C GLY B 65 0.86 35.20 20.76
N LEU B 66 -0.16 34.65 20.10
CA LEU B 66 -1.53 34.84 20.54
C LEU B 66 -2.09 33.55 21.14
N LYS B 67 -3.39 33.57 21.47
CA LYS B 67 -4.05 32.50 22.19
C LYS B 67 -4.99 31.72 21.27
N PRO B 68 -5.21 30.43 21.54
CA PRO B 68 -6.02 29.60 20.65
C PRO B 68 -7.52 29.68 20.94
N GLY B 69 -8.29 29.57 19.86
CA GLY B 69 -9.73 29.52 19.98
C GLY B 69 -10.39 30.81 20.44
N VAL B 70 -9.76 31.96 20.25
CA VAL B 70 -10.31 33.23 20.67
C VAL B 70 -10.44 34.14 19.45
N ASP B 71 -11.48 34.97 19.46
CA ASP B 71 -11.75 35.88 18.35
C ASP B 71 -10.89 37.13 18.49
N TYR B 72 -10.29 37.55 17.37
CA TYR B 72 -9.42 38.71 17.36
C TYR B 72 -9.88 39.68 16.29
N THR B 73 -9.63 40.97 16.53
CA THR B 73 -9.89 42.02 15.55
C THR B 73 -8.56 42.60 15.12
N ILE B 74 -8.33 42.69 13.81
CA ILE B 74 -7.08 43.19 13.25
C ILE B 74 -7.39 44.42 12.41
N THR B 75 -6.61 45.48 12.62
CA THR B 75 -6.77 46.75 11.92
C THR B 75 -5.42 47.18 11.34
N VAL B 76 -5.45 47.65 10.09
CA VAL B 76 -4.25 48.04 9.37
C VAL B 76 -4.38 49.47 8.87
N TYR B 77 -3.31 50.26 9.04
CA TYR B 77 -3.23 51.63 8.54
C TYR B 77 -2.02 51.76 7.61
N ALA B 78 -2.17 52.59 6.59
CA ALA B 78 -1.09 52.93 5.68
C ALA B 78 -0.72 54.39 5.89
N VAL B 79 0.52 54.64 6.31
CA VAL B 79 0.99 55.99 6.57
C VAL B 79 1.85 56.45 5.41
N THR B 80 1.77 57.75 5.10
CA THR B 80 2.50 58.34 3.99
C THR B 80 3.21 59.61 4.44
N GLY B 81 2.63 60.31 5.40
CA GLY B 81 3.14 61.61 5.82
C GLY B 81 4.37 61.54 6.70
N ARG B 82 4.83 62.72 7.11
CA ARG B 82 6.00 62.84 7.97
C ARG B 82 5.64 63.41 9.34
N PRO B 86 2.11 61.64 11.97
CA PRO B 86 2.14 61.70 10.51
C PRO B 86 0.75 61.58 9.89
N ALA B 87 0.70 61.26 8.59
CA ALA B 87 -0.56 61.12 7.86
C ALA B 87 -0.90 59.64 7.74
N SER B 88 -1.89 59.20 8.52
CA SER B 88 -2.31 57.81 8.53
C SER B 88 -3.43 57.58 7.52
N SER B 89 -3.90 56.34 7.44
CA SER B 89 -4.97 55.95 6.54
C SER B 89 -6.29 55.81 7.31
N LYS B 90 -7.33 55.48 6.58
CA LYS B 90 -8.57 55.00 7.17
C LYS B 90 -8.37 53.56 7.65
N PRO B 91 -8.99 53.18 8.77
CA PRO B 91 -8.77 51.82 9.30
C PRO B 91 -9.51 50.77 8.49
N ILE B 92 -8.77 49.75 8.06
CA ILE B 92 -9.34 48.53 7.50
C ILE B 92 -9.28 47.45 8.59
N SER B 93 -10.42 46.80 8.83
CA SER B 93 -10.55 45.89 9.97
C SER B 93 -11.11 44.55 9.52
N ILE B 94 -10.70 43.49 10.23
CA ILE B 94 -11.23 42.14 10.07
C ILE B 94 -11.30 41.49 11.45
N ASN B 95 -12.18 40.49 11.57
CA ASN B 95 -12.26 39.65 12.76
C ASN B 95 -11.90 38.23 12.36
N TYR B 96 -11.22 37.51 13.24
CA TYR B 96 -10.87 36.12 12.95
C TYR B 96 -10.58 35.41 14.25
N ARG B 97 -10.85 34.12 14.26
CA ARG B 97 -10.64 33.29 15.43
C ARG B 97 -9.47 32.35 15.16
N THR B 98 -8.54 32.29 16.11
CA THR B 98 -7.44 31.35 15.97
C THR B 98 -7.94 29.91 16.11
N GLU B 99 -7.13 28.98 15.64
CA GLU B 99 -7.50 27.57 15.70
C GLU B 99 -7.44 27.06 17.13
N ILE B 100 -8.33 26.12 17.46
CA ILE B 100 -8.38 25.58 18.81
C ILE B 100 -7.07 24.85 19.12
N ASP B 101 -6.61 24.98 20.36
CA ASP B 101 -5.40 24.29 20.78
C ASP B 101 -5.63 22.78 20.77
N LYS B 102 -4.54 22.06 20.62
CA LYS B 102 -4.59 20.60 20.54
C LYS B 102 -4.46 19.98 21.93
N PRO B 103 -5.07 18.83 22.15
CA PRO B 103 -4.77 18.06 23.36
C PRO B 103 -3.31 17.65 23.36
N SER B 104 -2.72 17.61 24.55
CA SER B 104 -1.35 17.15 24.71
C SER B 104 -1.33 16.09 25.80
N GLN B 105 -0.12 15.59 26.10
CA GLN B 105 0.08 14.60 27.15
C GLN B 105 -0.71 13.33 26.86
N MET B 106 -0.37 12.69 25.74
CA MET B 106 -0.95 11.39 25.45
C MET B 106 0.00 10.30 25.88
N GLN B 107 -0.54 9.33 26.62
CA GLN B 107 0.19 8.20 27.16
C GLN B 107 -0.25 6.95 26.43
N VAL B 108 0.65 5.98 26.35
CA VAL B 108 0.32 4.63 25.89
C VAL B 108 0.17 3.76 27.14
N THR B 109 -1.06 3.33 27.41
CA THR B 109 -1.40 2.69 28.66
C THR B 109 -1.58 1.18 28.56
N ASP B 110 -1.56 0.62 27.35
CA ASP B 110 -1.64 -0.82 27.12
C ASP B 110 -1.24 -1.14 25.68
N VAL B 111 -0.38 -2.14 25.50
CA VAL B 111 0.08 -2.54 24.18
C VAL B 111 -0.03 -4.07 24.07
N GLN B 112 -0.74 -4.53 23.06
CA GLN B 112 -0.88 -5.96 22.78
C GLN B 112 -0.40 -6.23 21.36
N ASP B 113 -0.71 -7.43 20.85
CA ASP B 113 -0.34 -7.81 19.50
C ASP B 113 -1.36 -7.35 18.46
N ASN B 114 -2.53 -6.89 18.90
CA ASN B 114 -3.55 -6.37 18.00
C ASN B 114 -4.23 -5.14 18.59
N SER B 115 -3.61 -4.50 19.59
CA SER B 115 -4.25 -3.44 20.35
C SER B 115 -3.23 -2.38 20.70
N ILE B 116 -3.71 -1.15 20.83
CA ILE B 116 -2.96 -0.03 21.40
C ILE B 116 -3.91 0.78 22.26
N SER B 117 -3.46 1.15 23.44
CA SER B 117 -4.23 1.98 24.36
C SER B 117 -3.57 3.34 24.50
N VAL B 118 -4.38 4.40 24.55
CA VAL B 118 -3.86 5.75 24.68
C VAL B 118 -4.72 6.50 25.67
N LYS B 119 -4.10 7.50 26.32
CA LYS B 119 -4.75 8.33 27.31
C LYS B 119 -4.18 9.74 27.15
N TRP B 120 -5.05 10.75 27.10
CA TRP B 120 -4.61 12.12 26.83
C TRP B 120 -5.27 13.09 27.79
N LEU B 121 -4.68 14.27 27.91
CA LEU B 121 -5.14 15.44 28.66
C LEU B 121 -6.00 16.32 27.76
N PRO B 122 -7.15 16.78 28.26
CA PRO B 122 -8.05 17.58 27.43
C PRO B 122 -7.40 18.89 26.99
N SER B 123 -7.71 19.31 25.78
CA SER B 123 -7.25 20.60 25.31
C SER B 123 -7.94 21.72 26.09
N SER B 124 -7.37 22.92 26.00
CA SER B 124 -7.91 24.05 26.74
C SER B 124 -9.15 24.64 26.08
N SER B 125 -9.29 24.48 24.76
CA SER B 125 -10.45 25.01 24.07
C SER B 125 -11.69 24.20 24.44
N PRO B 126 -12.87 24.78 24.26
CA PRO B 126 -14.11 23.99 24.39
C PRO B 126 -14.20 22.96 23.28
N VAL B 127 -14.39 21.70 23.67
CA VAL B 127 -14.37 20.57 22.75
C VAL B 127 -15.70 19.83 22.82
N THR B 128 -16.22 19.45 21.65
CA THR B 128 -17.42 18.64 21.57
C THR B 128 -17.14 17.15 21.34
N GLY B 129 -15.87 16.76 21.30
CA GLY B 129 -15.51 15.38 21.03
C GLY B 129 -14.14 15.30 20.41
N TYR B 130 -13.69 14.06 20.19
CA TYR B 130 -12.38 13.80 19.62
C TYR B 130 -12.49 12.83 18.46
N ARG B 131 -11.52 12.90 17.56
CA ARG B 131 -11.36 11.94 16.47
C ARG B 131 -9.93 11.41 16.52
N VAL B 132 -9.77 10.09 16.45
CA VAL B 132 -8.47 9.45 16.60
C VAL B 132 -8.23 8.52 15.42
N THR B 133 -7.09 8.68 14.76
CA THR B 133 -6.73 7.87 13.60
C THR B 133 -5.46 7.08 13.89
N THR B 134 -5.42 5.85 13.39
CA THR B 134 -4.30 4.94 13.57
C THR B 134 -3.85 4.42 12.21
N THR B 135 -2.55 4.52 11.92
CA THR B 135 -2.01 4.14 10.60
C THR B 135 -0.58 3.62 10.76
N PRO B 136 -0.18 2.62 9.98
CA PRO B 136 1.24 2.21 9.99
C PRO B 136 2.12 3.35 9.49
N LYS B 137 3.28 3.49 10.13
CA LYS B 137 4.16 4.62 9.82
C LYS B 137 4.75 4.49 8.41
N ASN B 138 5.09 3.27 7.99
CA ASN B 138 5.75 3.08 6.71
C ASN B 138 4.95 2.16 5.78
N GLY B 139 4.52 1.00 6.27
CA GLY B 139 3.72 0.09 5.48
C GLY B 139 2.42 0.73 5.06
N PRO B 140 2.14 0.71 3.76
CA PRO B 140 0.91 1.35 3.24
C PRO B 140 -0.36 0.59 3.60
N GLY B 141 -0.81 0.72 4.84
CA GLY B 141 -2.02 0.05 5.28
C GLY B 141 -3.16 1.01 5.49
N PRO B 142 -4.30 0.49 5.95
CA PRO B 142 -5.47 1.35 6.16
C PRO B 142 -5.32 2.21 7.41
N THR B 143 -6.16 3.24 7.48
CA THR B 143 -6.20 4.15 8.61
C THR B 143 -7.54 3.99 9.32
N LYS B 144 -7.49 3.46 10.53
CA LYS B 144 -8.68 3.27 11.34
C LYS B 144 -9.01 4.55 12.10
N THR B 145 -10.29 4.90 12.16
CA THR B 145 -10.74 6.11 12.83
C THR B 145 -11.89 5.78 13.77
N LYS B 146 -11.81 6.26 15.02
CA LYS B 146 -12.92 6.18 15.94
C LYS B 146 -13.05 7.49 16.71
N THR B 147 -14.26 7.74 17.20
CA THR B 147 -14.61 9.03 17.80
C THR B 147 -14.86 8.89 19.30
N ALA B 148 -14.36 9.85 20.06
CA ALA B 148 -14.50 9.88 21.51
C ALA B 148 -15.26 11.12 21.94
N GLY B 149 -16.00 11.00 23.04
CA GLY B 149 -16.78 12.09 23.56
C GLY B 149 -15.93 13.21 24.12
N PRO B 150 -16.58 14.33 24.47
CA PRO B 150 -15.79 15.51 24.90
C PRO B 150 -15.07 15.32 26.21
N ASP B 151 -15.65 14.57 27.14
CA ASP B 151 -15.04 14.38 28.45
C ASP B 151 -14.25 13.08 28.54
N GLN B 152 -14.06 12.38 27.43
CA GLN B 152 -13.23 11.19 27.45
C GLN B 152 -11.75 11.58 27.40
N THR B 153 -10.93 10.78 28.07
CA THR B 153 -9.51 11.03 28.15
C THR B 153 -8.66 9.87 27.65
N GLU B 154 -9.26 8.69 27.44
CA GLU B 154 -8.52 7.48 27.08
C GLU B 154 -9.32 6.69 26.05
N MET B 155 -8.62 5.82 25.31
CA MET B 155 -9.27 5.06 24.25
C MET B 155 -8.46 3.82 23.94
N THR B 156 -9.16 2.79 23.47
CA THR B 156 -8.55 1.51 23.08
C THR B 156 -8.83 1.31 21.60
N ILE B 157 -7.76 1.09 20.82
CA ILE B 157 -7.87 0.84 19.39
C ILE B 157 -7.58 -0.63 19.16
N GLU B 158 -8.60 -1.40 18.80
CA GLU B 158 -8.46 -2.82 18.53
C GLU B 158 -8.36 -3.05 17.02
N GLY B 159 -8.11 -4.31 16.65
CA GLY B 159 -8.07 -4.66 15.25
C GLY B 159 -6.78 -4.31 14.54
N LEU B 160 -5.65 -4.35 15.23
CA LEU B 160 -4.36 -4.03 14.64
C LEU B 160 -3.62 -5.30 14.26
N GLN B 161 -2.46 -5.12 13.63
CA GLN B 161 -1.60 -6.23 13.23
C GLN B 161 -0.37 -6.32 14.13
N PRO B 162 0.19 -7.50 14.31
CA PRO B 162 1.35 -7.64 15.20
C PRO B 162 2.61 -7.04 14.60
N THR B 163 3.57 -6.77 15.47
CA THR B 163 4.88 -6.17 15.17
C THR B 163 4.79 -5.13 14.04
N VAL B 164 3.92 -4.14 14.25
CA VAL B 164 3.77 -3.03 13.33
C VAL B 164 3.90 -1.74 14.12
N GLU B 165 4.65 -0.78 13.58
CA GLU B 165 4.72 0.56 14.16
C GLU B 165 3.55 1.38 13.65
N TYR B 166 2.69 1.83 14.57
CA TYR B 166 1.49 2.56 14.24
C TYR B 166 1.61 4.02 14.69
N VAL B 167 1.02 4.91 13.90
CA VAL B 167 0.93 6.32 14.22
C VAL B 167 -0.46 6.60 14.76
N VAL B 168 -0.54 7.18 15.95
CA VAL B 168 -1.80 7.52 16.60
C VAL B 168 -1.90 9.03 16.69
N SER B 169 -2.97 9.60 16.14
CA SER B 169 -3.17 11.03 16.11
C SER B 169 -4.58 11.37 16.57
N VAL B 170 -4.68 12.30 17.52
CA VAL B 170 -5.96 12.69 18.13
C VAL B 170 -6.28 14.13 17.73
N TYR B 171 -7.49 14.34 17.22
CA TYR B 171 -7.98 15.65 16.83
C TYR B 171 -9.13 16.06 17.74
N ALA B 172 -9.00 17.23 18.38
CA ALA B 172 -10.11 17.78 19.14
C ALA B 172 -11.12 18.42 18.19
N GLN B 173 -12.39 18.12 18.39
CA GLN B 173 -13.45 18.60 17.52
C GLN B 173 -14.14 19.82 18.13
N ASN B 174 -14.41 20.80 17.27
CA ASN B 174 -14.99 22.07 17.67
C ASN B 174 -15.72 22.63 16.46
N PRO B 175 -16.91 23.22 16.63
CA PRO B 175 -17.59 23.80 15.47
C PRO B 175 -16.76 24.83 14.71
N SER B 176 -15.87 25.55 15.38
CA SER B 176 -15.10 26.61 14.73
C SER B 176 -13.82 26.04 14.12
N GLY B 177 -13.87 24.79 13.71
CA GLY B 177 -12.70 24.11 13.19
C GLY B 177 -12.12 23.14 14.20
N GLU B 178 -11.42 22.14 13.70
CA GLU B 178 -10.92 21.07 14.55
C GLU B 178 -9.41 21.24 14.79
N SER B 179 -8.92 20.55 15.82
CA SER B 179 -7.56 20.71 16.30
C SER B 179 -6.54 20.23 15.25
N GLN B 180 -5.28 20.56 15.51
CA GLN B 180 -4.17 19.85 14.92
C GLN B 180 -3.88 18.58 15.72
N PRO B 181 -3.42 17.51 15.09
CA PRO B 181 -3.35 16.21 15.78
C PRO B 181 -2.22 16.15 16.80
N LEU B 182 -2.51 15.49 17.92
CA LEU B 182 -1.49 15.06 18.87
C LEU B 182 -1.00 13.69 18.42
N VAL B 183 0.30 13.56 18.20
CA VAL B 183 0.87 12.40 17.51
C VAL B 183 1.75 11.61 18.47
N GLN B 184 1.59 10.28 18.44
CA GLN B 184 2.47 9.37 19.14
C GLN B 184 2.53 8.07 18.38
N THR B 185 3.70 7.44 18.37
CA THR B 185 3.93 6.18 17.65
C THR B 185 4.18 5.06 18.65
N ALA B 186 3.85 3.83 18.23
CA ALA B 186 3.94 2.68 19.11
C ALA B 186 3.99 1.41 18.26
N VAL B 187 4.60 0.36 18.81
CA VAL B 187 4.82 -0.90 18.10
C VAL B 187 4.07 -2.01 18.81
N THR B 188 3.27 -2.77 18.06
CA THR B 188 2.49 -3.86 18.63
C THR B 188 3.37 -5.07 18.91
N THR B 189 2.94 -5.88 19.88
CA THR B 189 3.73 -7.04 20.29
C THR B 189 3.45 -8.23 19.37
N ILE B 190 3.76 -9.43 19.85
CA ILE B 190 3.70 -10.65 19.06
C ILE B 190 2.61 -11.57 19.60
N PRO B 191 1.89 -12.31 18.75
CA PRO B 191 0.96 -13.32 19.27
C PRO B 191 1.70 -14.37 20.09
N ALA B 192 1.00 -14.93 21.06
CA ALA B 192 1.59 -15.94 21.91
C ALA B 192 1.76 -17.25 21.13
N PRO B 193 2.69 -18.12 21.55
CA PRO B 193 2.74 -19.45 20.95
C PRO B 193 1.50 -20.25 21.33
N THR B 194 1.00 -21.04 20.38
CA THR B 194 -0.25 -21.75 20.56
C THR B 194 -0.01 -23.24 20.83
N ASP B 195 -0.97 -23.86 21.51
CA ASP B 195 -1.03 -25.31 21.73
C ASP B 195 0.23 -25.84 22.43
N LEU B 196 0.47 -25.35 23.63
CA LEU B 196 1.57 -25.86 24.45
C LEU B 196 1.14 -27.18 25.06
N LYS B 197 1.70 -28.27 24.56
CA LYS B 197 1.33 -29.62 24.99
C LYS B 197 2.55 -30.35 25.54
N PHE B 198 2.34 -31.09 26.62
CA PHE B 198 3.40 -31.93 27.20
C PHE B 198 3.33 -33.33 26.58
N THR B 199 4.49 -33.85 26.18
CA THR B 199 4.54 -35.12 25.45
C THR B 199 5.18 -36.25 26.25
N GLN B 200 5.98 -35.94 27.26
CA GLN B 200 6.70 -36.99 27.95
C GLN B 200 7.22 -36.44 29.27
N GLY B 201 7.14 -37.27 30.30
CA GLY B 201 7.66 -36.91 31.61
C GLY B 201 8.31 -38.09 32.30
N THR B 202 9.43 -37.84 32.97
CA THR B 202 10.14 -38.85 33.73
C THR B 202 10.33 -38.31 35.15
N PRO B 203 10.96 -39.06 36.07
CA PRO B 203 11.25 -38.47 37.39
C PRO B 203 12.02 -37.15 37.33
N THR B 204 12.94 -36.97 36.38
CA THR B 204 13.76 -35.78 36.34
C THR B 204 13.68 -34.99 35.04
N SER B 205 13.02 -35.50 34.01
CA SER B 205 12.94 -34.85 32.71
C SER B 205 11.53 -34.34 32.43
N LEU B 206 11.43 -33.53 31.39
CA LEU B 206 10.16 -32.95 30.98
C LEU B 206 10.28 -32.54 29.52
N SER B 207 9.29 -32.91 28.70
CA SER B 207 9.35 -32.68 27.26
C SER B 207 8.06 -32.05 26.79
N ALA B 208 8.16 -30.82 26.26
CA ALA B 208 7.00 -30.06 25.82
C ALA B 208 7.20 -29.59 24.39
N GLN B 209 6.09 -29.41 23.69
CA GLN B 209 6.10 -28.91 22.33
C GLN B 209 5.00 -27.88 22.15
N TRP B 210 5.08 -27.13 21.06
CA TRP B 210 4.13 -26.05 20.80
C TRP B 210 4.16 -25.70 19.32
N THR B 211 3.16 -24.93 18.90
CA THR B 211 3.10 -24.42 17.54
C THR B 211 3.58 -22.98 17.53
N PRO B 212 4.60 -22.65 16.75
CA PRO B 212 5.12 -21.29 16.76
C PRO B 212 4.13 -20.34 16.11
N PRO B 213 4.17 -19.05 16.47
CA PRO B 213 3.33 -18.06 15.80
C PRO B 213 3.83 -17.79 14.38
N ASN B 214 2.98 -17.13 13.59
CA ASN B 214 3.23 -16.90 12.17
C ASN B 214 3.96 -15.59 11.89
N VAL B 215 4.91 -15.20 12.74
CA VAL B 215 5.82 -14.10 12.45
C VAL B 215 7.23 -14.55 12.82
N GLN B 216 8.20 -14.06 12.06
CA GLN B 216 9.58 -14.49 12.30
C GLN B 216 10.10 -13.92 13.61
N LEU B 217 10.77 -14.76 14.39
CA LEU B 217 11.19 -14.41 15.73
C LEU B 217 12.69 -14.52 15.87
N THR B 218 13.22 -13.94 16.95
CA THR B 218 14.64 -14.05 17.24
C THR B 218 14.97 -15.20 18.18
N GLY B 219 13.98 -15.83 18.77
CA GLY B 219 14.23 -16.96 19.63
C GLY B 219 13.09 -17.14 20.62
N TYR B 220 13.34 -18.03 21.57
CA TYR B 220 12.38 -18.35 22.61
C TYR B 220 13.04 -18.26 23.97
N ARG B 221 12.23 -18.07 25.00
CA ARG B 221 12.70 -18.09 26.38
C ARG B 221 11.78 -18.97 27.18
N VAL B 222 12.31 -20.07 27.72
CA VAL B 222 11.52 -21.01 28.51
C VAL B 222 11.94 -20.88 29.97
N ARG B 223 10.95 -20.78 30.85
CA ARG B 223 11.18 -20.74 32.28
C ARG B 223 10.26 -21.75 32.96
N VAL B 224 10.84 -22.56 33.85
CA VAL B 224 10.13 -23.61 34.59
C VAL B 224 10.34 -23.38 36.07
N THR B 225 9.25 -23.39 36.83
CA THR B 225 9.30 -23.07 38.26
C THR B 225 8.35 -23.98 39.04
N PRO B 226 8.80 -24.60 40.11
CA PRO B 226 7.86 -25.30 41.01
C PRO B 226 6.94 -24.28 41.67
N LYS B 227 5.63 -24.49 41.51
CA LYS B 227 4.69 -23.58 42.16
C LYS B 227 4.53 -23.90 43.64
N GLU B 228 4.44 -25.18 43.99
CA GLU B 228 4.22 -25.55 45.39
C GLU B 228 5.40 -26.34 45.95
N PRO B 232 14.20 -24.38 43.16
CA PRO B 232 15.06 -23.85 42.09
C PRO B 232 14.31 -23.68 40.76
N MET B 233 14.72 -22.68 39.99
CA MET B 233 14.13 -22.36 38.70
C MET B 233 15.16 -22.55 37.60
N LYS B 234 14.68 -22.97 36.43
CA LYS B 234 15.54 -23.22 35.27
C LYS B 234 15.07 -22.37 34.10
N GLU B 235 16.02 -21.80 33.36
CA GLU B 235 15.71 -21.04 32.17
C GLU B 235 16.66 -21.44 31.04
N ILE B 236 16.08 -21.57 29.85
CA ILE B 236 16.81 -21.92 28.64
C ILE B 236 16.36 -20.96 27.54
N ASN B 237 17.22 -20.75 26.55
CA ASN B 237 16.91 -19.90 25.42
C ASN B 237 17.06 -20.71 24.14
N LEU B 238 16.03 -20.70 23.30
CA LEU B 238 15.97 -21.53 22.11
C LEU B 238 16.14 -20.69 20.85
N ALA B 239 16.58 -21.36 19.78
CA ALA B 239 16.63 -20.76 18.47
C ALA B 239 15.21 -20.55 17.94
N PRO B 240 15.03 -19.62 16.99
CA PRO B 240 13.67 -19.35 16.49
C PRO B 240 13.00 -20.52 15.83
N ASP B 241 13.76 -21.39 15.16
CA ASP B 241 13.19 -22.57 14.52
C ASP B 241 13.00 -23.72 15.51
N SER B 242 12.45 -23.44 16.68
CA SER B 242 12.27 -24.45 17.72
C SER B 242 10.79 -24.66 17.98
N SER B 243 10.37 -25.91 18.06
CA SER B 243 9.00 -26.23 18.39
C SER B 243 8.87 -26.98 19.70
N SER B 244 9.99 -27.34 20.34
CA SER B 244 9.95 -28.22 21.49
C SER B 244 11.19 -28.03 22.33
N VAL B 245 11.10 -28.47 23.58
CA VAL B 245 12.19 -28.35 24.53
C VAL B 245 12.18 -29.57 25.44
N VAL B 246 13.36 -29.93 25.95
CA VAL B 246 13.53 -31.00 26.93
C VAL B 246 14.36 -30.41 28.06
N VAL B 247 13.76 -30.27 29.24
CA VAL B 247 14.44 -29.70 30.39
C VAL B 247 14.77 -30.83 31.36
N SER B 248 15.99 -30.81 31.90
CA SER B 248 16.53 -31.86 32.75
C SER B 248 16.67 -31.36 34.18
N GLY B 249 17.26 -32.21 35.02
CA GLY B 249 17.69 -31.79 36.35
C GLY B 249 16.59 -31.25 37.24
N LEU B 250 15.37 -31.72 37.09
CA LEU B 250 14.27 -31.24 37.91
C LEU B 250 14.10 -32.13 39.15
N MET B 251 13.27 -31.66 40.08
CA MET B 251 12.95 -32.38 41.30
C MET B 251 11.86 -33.40 41.02
N VAL B 252 11.70 -34.34 41.95
CA VAL B 252 10.72 -35.41 41.81
C VAL B 252 9.43 -34.99 42.49
N ALA B 253 8.31 -35.50 41.95
CA ALA B 253 6.98 -35.30 42.52
C ALA B 253 6.68 -33.82 42.74
N THR B 254 7.12 -32.98 41.81
CA THR B 254 7.02 -31.54 41.94
C THR B 254 6.15 -30.95 40.84
N LYS B 255 5.27 -30.04 41.22
CA LYS B 255 4.39 -29.36 40.27
C LYS B 255 5.16 -28.19 39.65
N TYR B 256 5.44 -28.27 38.36
CA TYR B 256 6.23 -27.26 37.65
C TYR B 256 5.35 -26.49 36.68
N GLU B 257 5.39 -25.17 36.78
CA GLU B 257 4.78 -24.34 35.75
C GLU B 257 5.84 -23.96 34.73
N VAL B 258 5.51 -24.17 33.45
CA VAL B 258 6.40 -23.83 32.34
C VAL B 258 5.74 -22.73 31.52
N SER B 259 6.55 -21.79 31.06
CA SER B 259 6.07 -20.65 30.31
C SER B 259 7.01 -20.42 29.13
N VAL B 260 6.44 -20.26 27.95
CA VAL B 260 7.18 -20.07 26.71
C VAL B 260 6.96 -18.65 26.21
N TYR B 261 8.04 -17.90 26.04
CA TYR B 261 8.00 -16.54 25.53
C TYR B 261 8.63 -16.51 24.14
N ALA B 262 7.86 -16.05 23.15
CA ALA B 262 8.42 -15.76 21.83
C ALA B 262 9.05 -14.37 21.82
N LEU B 263 10.19 -14.24 21.13
CA LEU B 263 11.00 -13.04 21.18
C LEU B 263 11.30 -12.53 19.78
N LYS B 264 11.07 -11.23 19.56
CA LYS B 264 11.52 -10.53 18.34
C LYS B 264 12.26 -9.28 18.78
N ASP B 265 13.55 -9.45 19.07
CA ASP B 265 14.43 -8.39 19.55
C ASP B 265 13.90 -7.82 20.85
N THR B 266 13.51 -6.55 20.85
CA THR B 266 12.93 -5.96 22.05
C THR B 266 11.50 -6.44 22.31
N LEU B 267 10.83 -6.99 21.30
CA LEU B 267 9.44 -7.39 21.43
C LEU B 267 9.33 -8.79 22.05
N THR B 268 8.53 -8.90 23.11
CA THR B 268 8.37 -10.14 23.84
C THR B 268 6.92 -10.58 23.77
N SER B 269 6.67 -11.83 23.36
CA SER B 269 5.31 -12.32 23.32
C SER B 269 4.75 -12.50 24.72
N ARG B 270 3.42 -12.61 24.79
CA ARG B 270 2.80 -13.04 26.03
C ARG B 270 3.04 -14.54 26.21
N PRO B 271 3.31 -15.00 27.42
CA PRO B 271 3.76 -16.39 27.59
C PRO B 271 2.65 -17.39 27.32
N ALA B 272 3.00 -18.45 26.61
CA ALA B 272 2.16 -19.65 26.57
C ALA B 272 2.46 -20.46 27.83
N GLN B 273 1.48 -20.57 28.72
CA GLN B 273 1.71 -21.11 30.05
C GLN B 273 1.07 -22.49 30.19
N GLY B 274 1.70 -23.30 31.03
CA GLY B 274 1.18 -24.63 31.35
C GLY B 274 1.84 -25.12 32.60
N VAL B 275 1.15 -26.02 33.30
CA VAL B 275 1.70 -26.61 34.51
C VAL B 275 1.49 -28.12 34.47
N VAL B 276 2.45 -28.83 35.04
CA VAL B 276 2.42 -30.29 35.11
C VAL B 276 3.40 -30.73 36.16
N THR B 277 3.12 -31.87 36.79
CA THR B 277 4.00 -32.40 37.81
C THR B 277 4.76 -33.60 37.27
N THR B 278 6.01 -33.73 37.71
CA THR B 278 6.87 -34.83 37.29
C THR B 278 6.58 -36.09 38.11
N LEU B 279 7.04 -37.21 37.59
CA LEU B 279 6.82 -38.49 38.25
C LEU B 279 7.57 -38.54 39.58
N GLU B 280 7.15 -39.46 40.44
CA GLU B 280 7.71 -39.59 41.78
C GLU B 280 9.13 -40.16 41.74
N ASP C 7 12.25 -15.46 43.60
CA ASP C 7 11.32 -14.56 44.26
C ASP C 7 11.30 -13.18 43.60
N VAL C 8 12.32 -12.91 42.78
CA VAL C 8 12.49 -11.62 42.13
C VAL C 8 11.61 -11.59 40.88
N PRO C 9 10.97 -10.47 40.55
CA PRO C 9 10.38 -10.34 39.22
C PRO C 9 11.47 -10.24 38.18
N ARG C 10 11.22 -10.80 37.01
CA ARG C 10 12.27 -10.90 36.01
C ARG C 10 11.73 -10.57 34.63
N ASP C 11 12.65 -10.20 33.74
CA ASP C 11 12.33 -9.80 32.38
C ASP C 11 11.45 -8.55 32.35
N LEU C 12 11.84 -7.55 33.14
CA LEU C 12 11.17 -6.27 33.12
C LEU C 12 11.59 -5.48 31.88
N GLU C 13 10.60 -5.01 31.13
CA GLU C 13 10.83 -4.15 29.98
C GLU C 13 9.72 -3.09 29.93
N VAL C 14 10.04 -1.97 29.30
CA VAL C 14 9.05 -0.94 28.99
C VAL C 14 8.64 -1.14 27.54
N VAL C 15 7.32 -1.11 27.27
CA VAL C 15 6.79 -1.47 25.97
C VAL C 15 6.50 -0.26 25.08
N ALA C 16 6.48 0.95 25.64
CA ALA C 16 6.17 2.14 24.87
C ALA C 16 6.78 3.35 25.57
N ALA C 17 7.60 4.10 24.85
CA ALA C 17 8.26 5.29 25.38
C ALA C 17 7.61 6.54 24.80
N THR C 18 7.22 7.45 25.67
CA THR C 18 6.55 8.70 25.31
C THR C 18 7.31 9.85 25.96
N PRO C 19 7.41 11.01 25.29
CA PRO C 19 7.99 12.20 25.91
C PRO C 19 7.56 12.45 27.35
N THR C 20 6.40 11.94 27.76
CA THR C 20 5.93 12.12 29.13
C THR C 20 5.58 10.83 29.85
N SER C 21 5.68 9.68 29.20
CA SER C 21 5.13 8.44 29.75
C SER C 21 6.04 7.26 29.44
N LEU C 22 6.04 6.29 30.37
CA LEU C 22 6.68 5.00 30.19
C LEU C 22 5.71 3.92 30.66
N LEU C 23 5.47 2.94 29.80
CA LEU C 23 4.56 1.84 30.11
C LEU C 23 5.37 0.56 30.30
N ILE C 24 5.56 0.17 31.57
CA ILE C 24 6.42 -0.95 31.91
C ILE C 24 5.63 -2.26 31.97
N SER C 25 6.35 -3.37 31.84
CA SER C 25 5.76 -4.70 31.92
C SER C 25 6.85 -5.71 32.30
N TRP C 26 6.47 -6.68 33.14
CA TRP C 26 7.37 -7.73 33.57
C TRP C 26 6.71 -9.10 33.35
N ASP C 27 7.45 -10.16 33.64
CA ASP C 27 6.93 -11.52 33.51
C ASP C 27 6.09 -11.87 34.74
N ALA C 28 4.87 -12.32 34.51
CA ALA C 28 4.01 -12.77 35.60
C ALA C 28 4.61 -14.00 36.26
N PRO C 29 5.08 -13.92 37.50
CA PRO C 29 5.75 -15.07 38.10
C PRO C 29 4.78 -16.19 38.45
N ALA C 30 5.34 -17.38 38.69
CA ALA C 30 4.52 -18.51 39.09
C ALA C 30 3.89 -18.29 40.46
N VAL C 31 4.71 -17.93 41.45
CA VAL C 31 4.17 -17.64 42.77
C VAL C 31 3.45 -16.31 42.73
N THR C 32 2.21 -16.30 43.22
CA THR C 32 1.43 -15.07 43.27
C THR C 32 2.05 -14.10 44.27
N VAL C 33 2.13 -12.83 43.88
CA VAL C 33 2.91 -11.84 44.60
C VAL C 33 1.98 -10.80 45.20
N ARG C 34 2.36 -10.27 46.37
CA ARG C 34 1.52 -9.34 47.10
C ARG C 34 1.25 -8.08 46.27
N TYR C 35 2.28 -7.27 46.02
CA TYR C 35 2.23 -6.25 44.98
C TYR C 35 3.66 -6.02 44.51
N TYR C 36 3.82 -5.11 43.56
CA TYR C 36 5.14 -4.73 43.12
C TYR C 36 5.34 -3.23 43.40
N ARG C 37 6.61 -2.83 43.43
CA ARG C 37 6.95 -1.42 43.61
C ARG C 37 7.98 -1.01 42.58
N ILE C 38 7.70 0.09 41.86
CA ILE C 38 8.35 0.45 40.61
C ILE C 38 9.22 1.68 40.77
N THR C 39 10.18 1.65 41.70
CA THR C 39 10.92 2.86 42.02
C THR C 39 11.66 3.40 40.80
N TYR C 40 11.58 4.71 40.60
CA TYR C 40 12.18 5.33 39.43
C TYR C 40 12.63 6.75 39.74
N GLY C 41 13.78 7.11 39.17
CA GLY C 41 14.34 8.45 39.30
C GLY C 41 15.37 8.64 38.20
N GLU C 42 15.85 9.87 38.10
CA GLU C 42 16.75 10.22 37.01
C GLU C 42 18.13 9.58 37.20
N THR C 43 18.64 8.97 36.12
CA THR C 43 19.95 8.33 36.14
C THR C 43 21.04 9.38 36.38
N GLY C 44 21.64 9.36 37.57
CA GLY C 44 22.71 10.28 37.88
C GLY C 44 22.26 11.62 38.43
N GLY C 45 21.00 11.75 38.81
CA GLY C 45 20.51 12.91 39.52
C GLY C 45 20.00 12.49 40.89
N ASN C 46 20.25 13.35 41.89
CA ASN C 46 19.92 13.15 43.30
C ASN C 46 18.57 13.71 43.68
N SER C 47 17.78 14.16 42.70
CA SER C 47 16.39 14.48 42.97
C SER C 47 15.64 13.19 43.33
N PRO C 48 14.64 13.29 44.22
CA PRO C 48 14.08 12.08 44.81
C PRO C 48 13.36 11.18 43.80
N VAL C 49 13.39 9.87 44.09
CA VAL C 49 12.75 8.87 43.25
C VAL C 49 11.27 8.78 43.60
N GLN C 50 10.45 8.42 42.62
CA GLN C 50 9.00 8.40 42.79
C GLN C 50 8.47 6.97 42.85
N GLU C 51 7.33 6.77 43.52
CA GLU C 51 6.83 5.41 43.68
C GLU C 51 5.32 5.31 43.93
N PHE C 52 4.71 4.31 43.28
CA PHE C 52 3.29 3.95 43.41
C PHE C 52 3.21 2.43 43.56
N THR C 53 2.02 1.87 43.72
CA THR C 53 1.91 0.42 43.80
C THR C 53 0.93 -0.13 42.78
N VAL C 54 1.19 -1.36 42.33
CA VAL C 54 0.41 -2.09 41.33
C VAL C 54 -0.43 -3.14 42.08
N PRO C 55 -1.63 -3.51 41.60
CA PRO C 55 -2.31 -4.67 42.18
C PRO C 55 -1.56 -5.96 41.86
N GLY C 56 -1.81 -6.98 42.69
CA GLY C 56 -1.17 -8.26 42.46
C GLY C 56 -1.55 -8.88 41.13
N SER C 57 -2.76 -8.56 40.63
CA SER C 57 -3.23 -9.19 39.40
C SER C 57 -2.49 -8.66 38.18
N LYS C 58 -2.14 -7.37 38.18
CA LYS C 58 -1.61 -6.74 36.99
C LYS C 58 -0.10 -6.96 36.88
N SER C 59 0.37 -7.17 35.64
CA SER C 59 1.78 -7.29 35.35
C SER C 59 2.30 -6.15 34.48
N THR C 60 1.52 -5.06 34.34
CA THR C 60 1.93 -3.85 33.63
C THR C 60 1.56 -2.64 34.47
N ALA C 61 2.16 -1.50 34.14
CA ALA C 61 1.87 -0.28 34.90
C ALA C 61 2.23 0.93 34.06
N THR C 62 1.36 1.93 34.09
CA THR C 62 1.59 3.20 33.42
C THR C 62 2.07 4.21 34.46
N ILE C 63 3.28 4.74 34.26
CA ILE C 63 3.77 5.85 35.06
C ILE C 63 3.79 7.09 34.18
N SER C 64 3.09 8.13 34.61
CA SER C 64 2.86 9.33 33.83
C SER C 64 3.52 10.53 34.49
N GLY C 65 3.47 11.66 33.79
CA GLY C 65 3.98 12.90 34.34
C GLY C 65 5.48 13.03 34.31
N LEU C 66 6.15 12.41 33.34
CA LEU C 66 7.59 12.46 33.23
C LEU C 66 7.99 13.58 32.28
N LYS C 67 9.30 13.79 32.13
CA LYS C 67 9.78 14.86 31.27
C LYS C 67 10.64 14.30 30.14
N PRO C 68 10.64 14.94 28.97
CA PRO C 68 11.24 14.32 27.78
C PRO C 68 12.76 14.41 27.79
N GLY C 69 13.35 13.50 27.03
CA GLY C 69 14.79 13.39 26.96
C GLY C 69 15.47 13.17 28.29
N VAL C 70 14.77 12.59 29.26
CA VAL C 70 15.29 12.36 30.60
C VAL C 70 15.53 10.87 30.79
N ASP C 71 16.63 10.53 31.45
CA ASP C 71 16.96 9.16 31.79
C ASP C 71 16.35 8.82 33.15
N TYR C 72 15.75 7.64 33.26
CA TYR C 72 15.18 7.18 34.52
C TYR C 72 15.65 5.78 34.83
N THR C 73 16.03 5.55 36.07
CA THR C 73 16.35 4.20 36.53
C THR C 73 15.12 3.57 37.16
N ILE C 74 14.67 2.45 36.59
CA ILE C 74 13.46 1.74 37.02
C ILE C 74 13.84 0.42 37.68
N THR C 75 13.62 0.33 39.00
CA THR C 75 13.77 -0.90 39.76
C THR C 75 12.39 -1.37 40.23
N VAL C 76 12.10 -2.66 40.08
CA VAL C 76 10.85 -3.24 40.58
C VAL C 76 11.17 -4.27 41.64
N TYR C 77 10.23 -4.48 42.57
CA TYR C 77 10.41 -5.42 43.66
C TYR C 77 9.13 -6.19 43.91
N ALA C 78 9.28 -7.50 44.14
CA ALA C 78 8.18 -8.37 44.52
C ALA C 78 8.15 -8.44 46.04
N VAL C 79 7.11 -7.94 46.62
CA VAL C 79 6.90 -8.08 48.05
C VAL C 79 5.91 -9.21 48.27
N THR C 80 5.90 -9.77 49.48
CA THR C 80 5.09 -10.96 49.72
C THR C 80 4.38 -10.91 51.07
N GLY C 81 4.99 -10.26 52.06
CA GLY C 81 4.42 -10.20 53.40
C GLY C 81 3.22 -9.27 53.48
N ARG C 82 2.61 -9.27 54.68
CA ARG C 82 1.44 -8.43 54.94
C ARG C 82 1.76 -7.36 55.97
N PRO C 86 5.91 -6.41 53.89
CA PRO C 86 6.79 -5.26 53.63
C PRO C 86 8.22 -5.67 53.28
N ALA C 87 8.40 -6.89 52.81
CA ALA C 87 9.71 -7.44 52.47
C ALA C 87 9.88 -7.46 50.95
N SER C 88 10.84 -6.67 50.45
CA SER C 88 11.13 -6.61 49.03
C SER C 88 12.10 -7.73 48.64
N SER C 89 12.36 -7.85 47.33
CA SER C 89 13.27 -8.84 46.80
C SER C 89 14.57 -8.17 46.33
N LYS C 90 15.37 -8.91 45.56
CA LYS C 90 16.58 -8.35 44.96
C LYS C 90 16.22 -7.56 43.70
N PRO C 91 17.03 -6.58 43.32
CA PRO C 91 16.63 -5.66 42.23
C PRO C 91 16.52 -6.34 40.88
N ILE C 92 15.40 -6.06 40.21
CA ILE C 92 15.29 -6.16 38.76
C ILE C 92 15.32 -4.73 38.22
N SER C 93 16.14 -4.50 37.19
CA SER C 93 16.18 -3.14 36.67
C SER C 93 16.93 -3.07 35.35
N ILE C 94 16.32 -2.39 34.38
CA ILE C 94 17.01 -1.73 33.28
C ILE C 94 16.79 -0.25 33.54
N ASN C 95 17.30 0.64 32.69
CA ASN C 95 16.91 2.03 32.81
C ASN C 95 17.05 2.73 31.47
N TYR C 96 16.09 3.62 31.15
CA TYR C 96 15.76 3.99 29.77
C TYR C 96 15.61 5.50 29.63
N ARG C 97 15.70 5.99 28.39
CA ARG C 97 15.58 7.42 28.17
C ARG C 97 14.32 7.75 27.37
N THR C 98 13.63 8.78 27.84
CA THR C 98 12.40 9.28 27.21
C THR C 98 12.68 9.81 25.81
N GLU C 99 11.64 9.81 24.98
CA GLU C 99 11.74 10.42 23.66
C GLU C 99 11.95 11.92 23.76
N ILE C 100 12.68 12.49 22.82
CA ILE C 100 13.04 13.94 22.75
C ILE C 100 11.83 14.83 22.58
N ASP C 101 11.82 16.01 23.19
CA ASP C 101 10.65 16.89 23.06
C ASP C 101 10.43 17.53 21.69
N LYS C 102 9.16 17.79 21.44
CA LYS C 102 8.57 18.42 20.29
C LYS C 102 8.60 19.92 20.33
N PRO C 103 8.83 20.55 19.19
CA PRO C 103 8.68 22.00 19.06
C PRO C 103 7.26 22.42 19.42
N SER C 104 7.16 23.54 20.14
CA SER C 104 5.92 23.91 20.83
C SER C 104 4.88 24.49 19.88
N GLN C 105 5.12 25.70 19.40
CA GLN C 105 4.16 26.43 18.58
C GLN C 105 4.76 26.66 17.20
N MET C 106 3.89 26.82 16.21
CA MET C 106 4.34 26.92 14.82
C MET C 106 3.57 28.00 14.10
N GLN C 107 4.29 28.93 13.47
CA GLN C 107 3.67 29.98 12.66
C GLN C 107 3.91 29.71 11.19
N VAL C 108 2.90 29.97 10.39
CA VAL C 108 3.06 30.04 8.94
C VAL C 108 3.33 31.49 8.59
N THR C 109 4.48 31.74 7.95
CA THR C 109 4.97 33.09 7.75
C THR C 109 4.82 33.61 6.32
N ASP C 110 4.54 32.74 5.36
CA ASP C 110 4.44 33.11 3.96
C ASP C 110 3.75 31.99 3.20
N VAL C 111 2.79 32.36 2.34
CA VAL C 111 2.03 31.39 1.56
C VAL C 111 1.93 31.88 0.14
N GLN C 112 2.41 31.09 -0.81
CA GLN C 112 2.33 31.41 -2.23
C GLN C 112 1.54 30.32 -2.96
N ASP C 113 1.57 30.39 -4.29
CA ASP C 113 1.00 29.34 -5.13
C ASP C 113 1.89 28.10 -5.20
N ASN C 114 3.16 28.21 -4.78
CA ASN C 114 4.08 27.08 -4.82
C ASN C 114 4.97 27.02 -3.59
N SER C 115 4.60 27.68 -2.49
CA SER C 115 5.44 27.76 -1.32
C SER C 115 4.58 27.94 -0.08
N ILE C 116 5.05 27.35 1.01
CA ILE C 116 4.56 27.59 2.35
C ILE C 116 5.78 27.74 3.25
N SER C 117 5.66 28.60 4.26
CA SER C 117 6.76 29.01 5.10
C SER C 117 6.34 28.89 6.56
N VAL C 118 7.05 28.04 7.33
CA VAL C 118 6.68 27.78 8.71
C VAL C 118 7.78 28.33 9.62
N LYS C 119 7.45 28.48 10.90
CA LYS C 119 8.44 28.84 11.89
C LYS C 119 8.03 28.23 13.22
N TRP C 120 9.00 27.71 13.97
CA TRP C 120 8.74 26.96 15.17
C TRP C 120 9.67 27.41 16.28
N LEU C 121 9.40 26.95 17.51
CA LEU C 121 10.37 27.19 18.58
C LEU C 121 11.24 25.96 18.78
N PRO C 122 12.53 26.13 19.06
CA PRO C 122 13.41 24.97 19.17
C PRO C 122 13.06 24.09 20.36
N SER C 123 13.32 22.80 20.22
CA SER C 123 13.14 21.89 21.33
C SER C 123 14.14 22.22 22.45
N SER C 124 13.79 21.81 23.66
CA SER C 124 14.68 22.03 24.80
C SER C 124 15.85 21.05 24.80
N SER C 125 15.64 19.86 24.26
CA SER C 125 16.69 18.85 24.22
C SER C 125 17.76 19.24 23.22
N PRO C 126 18.98 18.69 23.36
CA PRO C 126 19.99 18.89 22.31
C PRO C 126 19.52 18.30 21.00
N VAL C 127 19.69 19.06 19.93
CA VAL C 127 19.13 18.73 18.63
C VAL C 127 20.25 18.77 17.59
N THR C 128 20.30 17.75 16.74
CA THR C 128 21.27 17.69 15.64
C THR C 128 20.73 18.26 14.33
N GLY C 129 19.48 18.73 14.31
CA GLY C 129 18.85 19.19 13.09
C GLY C 129 17.38 18.83 13.10
N TYR C 130 16.63 19.29 12.10
CA TYR C 130 15.21 19.02 12.02
C TYR C 130 14.87 18.31 10.71
N ARG C 131 13.81 17.50 10.76
CA ARG C 131 13.26 16.87 9.58
C ARG C 131 11.88 17.46 9.33
N VAL C 132 11.66 17.97 8.11
CA VAL C 132 10.43 18.67 7.77
C VAL C 132 9.78 17.97 6.57
N THR C 133 8.57 17.47 6.78
CA THR C 133 7.82 16.81 5.70
C THR C 133 6.60 17.64 5.34
N THR C 134 6.30 17.67 4.05
CA THR C 134 5.09 18.31 3.55
C THR C 134 4.45 17.40 2.52
N THR C 135 3.14 17.17 2.67
CA THR C 135 2.40 16.32 1.75
C THR C 135 0.94 16.77 1.78
N PRO C 136 0.23 16.63 0.66
CA PRO C 136 -1.17 17.08 0.63
C PRO C 136 -2.04 16.32 1.63
N LYS C 137 -2.94 17.06 2.29
CA LYS C 137 -3.73 16.48 3.38
C LYS C 137 -4.68 15.40 2.88
N ASN C 138 -5.31 15.60 1.72
CA ASN C 138 -6.30 14.67 1.20
C ASN C 138 -5.86 13.97 -0.08
N GLY C 139 -5.47 14.74 -1.10
CA GLY C 139 -5.03 14.17 -2.35
C GLY C 139 -3.78 13.33 -2.19
N PRO C 140 -3.85 12.06 -2.57
CA PRO C 140 -2.70 11.16 -2.39
C PRO C 140 -1.51 11.53 -3.26
N GLY C 141 -0.79 12.57 -2.87
CA GLY C 141 0.39 13.01 -3.57
C GLY C 141 1.65 12.60 -2.85
N PRO C 142 2.81 13.00 -3.39
CA PRO C 142 4.09 12.62 -2.78
C PRO C 142 4.38 13.42 -1.53
N THR C 143 5.28 12.87 -0.72
CA THR C 143 5.78 13.50 0.50
C THR C 143 7.25 13.85 0.28
N LYS C 144 7.55 15.14 0.21
CA LYS C 144 8.92 15.59 0.03
C LYS C 144 9.56 15.89 1.37
N THR C 145 10.78 15.40 1.55
CA THR C 145 11.50 15.50 2.80
C THR C 145 12.57 16.59 2.67
N LYS C 146 12.73 17.37 3.73
CA LYS C 146 13.63 18.51 3.72
C LYS C 146 14.32 18.61 5.08
N THR C 147 15.50 19.20 5.09
CA THR C 147 16.35 19.26 6.27
C THR C 147 16.45 20.69 6.79
N ALA C 148 16.44 20.84 8.11
CA ALA C 148 16.69 22.11 8.76
C ALA C 148 17.79 21.92 9.79
N GLY C 149 18.81 22.78 9.74
CA GLY C 149 19.96 22.64 10.60
C GLY C 149 19.66 22.88 12.05
N PRO C 150 20.65 22.62 12.92
CA PRO C 150 20.45 22.86 14.36
C PRO C 150 20.19 24.31 14.71
N ASP C 151 20.88 25.24 14.07
CA ASP C 151 20.66 26.66 14.32
C ASP C 151 19.71 27.30 13.31
N GLN C 152 19.19 26.53 12.36
CA GLN C 152 18.07 26.99 11.54
C GLN C 152 16.76 26.58 12.20
N THR C 153 15.75 27.44 12.06
CA THR C 153 14.49 27.21 12.77
C THR C 153 13.24 27.49 11.92
N GLU C 154 13.39 27.84 10.63
CA GLU C 154 12.22 28.01 9.78
C GLU C 154 12.48 27.48 8.38
N MET C 155 11.41 27.14 7.68
CA MET C 155 11.52 26.42 6.42
C MET C 155 10.60 27.05 5.38
N THR C 156 11.05 26.96 4.13
CA THR C 156 10.26 27.26 2.94
C THR C 156 10.51 26.15 1.93
N ILE C 157 9.46 25.49 1.47
CA ILE C 157 9.61 24.40 0.51
C ILE C 157 9.25 24.88 -0.88
N GLU C 158 10.23 24.86 -1.78
CA GLU C 158 10.05 25.16 -3.19
C GLU C 158 9.22 24.08 -3.89
N GLY C 159 8.60 24.48 -4.99
CA GLY C 159 8.07 23.53 -5.95
C GLY C 159 6.78 22.84 -5.54
N LEU C 160 5.82 23.59 -5.01
CA LEU C 160 4.56 22.99 -4.59
C LEU C 160 3.44 23.32 -5.59
N GLN C 161 2.21 22.85 -5.27
CA GLN C 161 1.06 23.00 -6.16
C GLN C 161 0.05 23.99 -5.59
N PRO C 162 -0.61 24.77 -6.45
CA PRO C 162 -1.54 25.79 -5.95
C PRO C 162 -2.86 25.18 -5.50
N THR C 163 -3.49 25.87 -4.55
CA THR C 163 -4.82 25.50 -4.04
C THR C 163 -4.81 24.08 -3.47
N VAL C 164 -3.79 23.77 -2.68
CA VAL C 164 -3.65 22.46 -2.06
C VAL C 164 -3.37 22.65 -0.58
N GLU C 165 -4.21 22.05 0.26
CA GLU C 165 -3.96 22.02 1.71
C GLU C 165 -2.84 21.04 2.00
N TYR C 166 -1.73 21.54 2.53
CA TYR C 166 -0.57 20.72 2.84
C TYR C 166 -0.42 20.55 4.35
N VAL C 167 0.06 19.38 4.75
CA VAL C 167 0.44 19.11 6.14
C VAL C 167 1.95 19.25 6.26
N VAL C 168 2.38 20.10 7.18
CA VAL C 168 3.81 20.35 7.43
C VAL C 168 4.15 19.83 8.82
N SER C 169 5.04 18.85 8.89
CA SER C 169 5.45 18.23 10.14
C SER C 169 6.94 18.44 10.37
N VAL C 170 7.30 18.93 11.55
CA VAL C 170 8.68 19.19 11.91
C VAL C 170 9.07 18.25 13.04
N TYR C 171 10.15 17.49 12.85
CA TYR C 171 10.63 16.56 13.86
C TYR C 171 12.03 16.99 14.30
N ALA C 172 12.20 17.18 15.60
CA ALA C 172 13.55 17.39 16.13
C ALA C 172 14.33 16.09 16.07
N GLN C 173 15.52 16.14 15.47
CA GLN C 173 16.39 14.97 15.36
C GLN C 173 17.37 14.93 16.51
N ASN C 174 17.67 13.71 16.99
CA ASN C 174 18.60 13.48 18.08
C ASN C 174 19.01 12.01 18.09
N PRO C 175 20.25 11.69 18.47
CA PRO C 175 20.64 10.27 18.56
C PRO C 175 19.79 9.44 19.53
N SER C 176 19.24 10.06 20.57
CA SER C 176 18.44 9.33 21.56
C SER C 176 17.00 9.12 21.06
N GLY C 177 16.83 9.02 19.75
CA GLY C 177 15.51 8.96 19.15
C GLY C 177 15.09 10.31 18.58
N GLU C 178 14.05 10.26 17.76
CA GLU C 178 13.55 11.43 17.04
C GLU C 178 12.23 11.88 17.66
N SER C 179 12.06 13.20 17.75
CA SER C 179 10.90 13.77 18.42
C SER C 179 9.61 13.40 17.69
N GLN C 180 8.50 13.61 18.37
CA GLN C 180 7.21 13.53 17.71
C GLN C 180 6.96 14.84 16.95
N PRO C 181 6.11 14.82 15.92
CA PRO C 181 6.01 15.98 15.05
C PRO C 181 5.10 17.08 15.61
N LEU C 182 5.57 18.32 15.48
CA LEU C 182 4.71 19.48 15.51
C LEU C 182 4.17 19.68 14.10
N VAL C 183 2.86 19.57 13.94
CA VAL C 183 2.26 19.59 12.61
C VAL C 183 1.25 20.73 12.52
N GLN C 184 1.16 21.31 11.32
CA GLN C 184 0.20 22.37 11.03
C GLN C 184 -0.16 22.27 9.56
N THR C 185 -1.38 22.68 9.24
CA THR C 185 -1.90 22.62 7.88
C THR C 185 -2.10 24.02 7.32
N ALA C 186 -1.96 24.13 6.00
CA ALA C 186 -2.07 25.43 5.33
C ALA C 186 -2.32 25.21 3.84
N VAL C 187 -2.97 26.19 3.22
CA VAL C 187 -3.44 26.10 1.84
C VAL C 187 -2.66 27.09 0.98
N THR C 188 -2.17 26.62 -0.15
CA THR C 188 -1.45 27.48 -1.08
C THR C 188 -2.43 28.33 -1.88
N THR C 189 -1.97 29.52 -2.28
CA THR C 189 -2.79 30.45 -3.05
C THR C 189 -2.76 30.05 -4.53
N ILE C 190 -3.23 30.95 -5.39
CA ILE C 190 -3.35 30.68 -6.82
C ILE C 190 -2.33 31.52 -7.60
N PRO C 191 -1.89 31.06 -8.78
CA PRO C 191 -0.93 31.85 -9.54
C PRO C 191 -1.56 33.11 -10.07
N ALA C 192 -0.71 34.09 -10.38
CA ALA C 192 -1.14 35.35 -10.97
C ALA C 192 -1.50 35.18 -12.45
N PRO C 193 -2.37 36.03 -12.99
CA PRO C 193 -2.54 36.07 -14.45
C PRO C 193 -1.24 36.51 -15.11
N THR C 194 -0.98 35.97 -16.29
CA THR C 194 0.27 36.24 -17.00
C THR C 194 0.02 37.08 -18.24
N ASP C 195 1.05 37.82 -18.64
CA ASP C 195 1.09 38.53 -19.92
C ASP C 195 -0.06 39.53 -20.04
N LEU C 196 -0.12 40.45 -19.07
CA LEU C 196 -1.07 41.55 -19.12
C LEU C 196 -0.63 42.55 -20.19
N LYS C 197 -1.34 42.58 -21.31
CA LYS C 197 -1.01 43.45 -22.43
C LYS C 197 -2.18 44.38 -22.74
N PHE C 198 -1.88 45.65 -22.96
CA PHE C 198 -2.90 46.65 -23.28
C PHE C 198 -3.14 46.68 -24.78
N THR C 199 -4.39 46.45 -25.20
CA THR C 199 -4.75 46.27 -26.59
C THR C 199 -5.34 47.51 -27.24
N GLN C 200 -5.88 48.45 -26.47
CA GLN C 200 -6.59 49.57 -27.05
C GLN C 200 -6.77 50.67 -26.01
N GLY C 201 -6.56 51.89 -26.45
CA GLY C 201 -6.88 53.05 -25.63
C GLY C 201 -7.78 54.01 -26.40
N THR C 202 -8.64 54.70 -25.67
CA THR C 202 -9.43 55.79 -26.23
C THR C 202 -9.21 56.97 -25.31
N PRO C 203 -9.87 58.12 -25.52
CA PRO C 203 -9.68 59.22 -24.56
C PRO C 203 -10.20 58.89 -23.16
N THR C 204 -11.18 58.00 -23.03
CA THR C 204 -11.68 57.62 -21.71
C THR C 204 -11.63 56.12 -21.41
N SER C 205 -11.37 55.27 -22.39
CA SER C 205 -11.42 53.83 -22.21
C SER C 205 -10.02 53.26 -21.98
N LEU C 206 -9.99 52.00 -21.52
CA LEU C 206 -8.78 51.19 -21.48
C LEU C 206 -9.17 49.76 -21.79
N SER C 207 -8.32 49.06 -22.53
CA SER C 207 -8.59 47.69 -22.95
C SER C 207 -7.34 46.85 -22.69
N ALA C 208 -7.49 45.82 -21.85
CA ALA C 208 -6.39 44.92 -21.51
C ALA C 208 -6.86 43.47 -21.61
N GLN C 209 -5.93 42.59 -21.96
CA GLN C 209 -6.19 41.16 -21.97
C GLN C 209 -5.06 40.45 -21.23
N TRP C 210 -5.27 39.16 -20.94
CA TRP C 210 -4.31 38.40 -20.17
C TRP C 210 -4.53 36.91 -20.39
N THR C 211 -3.53 36.12 -19.96
CA THR C 211 -3.64 34.67 -19.92
C THR C 211 -4.07 34.24 -18.53
N PRO C 212 -5.15 33.49 -18.38
CA PRO C 212 -5.60 33.10 -17.04
C PRO C 212 -4.61 32.14 -16.39
N PRO C 213 -4.60 32.05 -15.07
CA PRO C 213 -3.81 31.01 -14.41
C PRO C 213 -4.40 29.64 -14.67
N ASN C 214 -3.63 28.60 -14.33
CA ASN C 214 -4.00 27.24 -14.68
C ASN C 214 -4.82 26.55 -13.59
N VAL C 215 -5.55 27.30 -12.78
CA VAL C 215 -6.47 26.71 -11.81
C VAL C 215 -7.85 27.34 -11.98
N GLN C 216 -8.88 26.55 -11.68
CA GLN C 216 -10.26 27.03 -11.78
C GLN C 216 -10.50 28.15 -10.78
N LEU C 217 -11.07 29.26 -11.25
CA LEU C 217 -11.27 30.44 -10.43
C LEU C 217 -12.76 30.67 -10.19
N THR C 218 -13.02 31.54 -9.22
CA THR C 218 -14.37 32.04 -8.94
C THR C 218 -14.63 33.41 -9.52
N GLY C 219 -13.58 34.18 -9.80
CA GLY C 219 -13.73 35.46 -10.46
C GLY C 219 -12.40 36.18 -10.54
N TYR C 220 -12.47 37.42 -11.02
CA TYR C 220 -11.30 38.32 -11.05
C TYR C 220 -11.65 39.63 -10.36
N ARG C 221 -10.61 40.30 -9.84
CA ARG C 221 -10.71 41.63 -9.30
C ARG C 221 -9.69 42.51 -10.00
N VAL C 222 -10.16 43.53 -10.71
CA VAL C 222 -9.29 44.48 -11.41
C VAL C 222 -9.43 45.85 -10.76
N ARG C 223 -8.31 46.55 -10.60
CA ARG C 223 -8.27 47.86 -9.96
C ARG C 223 -7.46 48.80 -10.83
N VAL C 224 -8.00 50.00 -11.06
CA VAL C 224 -7.40 51.01 -11.93
C VAL C 224 -7.28 52.31 -11.16
N THR C 225 -6.06 52.83 -11.07
CA THR C 225 -5.76 54.01 -10.27
C THR C 225 -4.73 54.87 -10.99
N PRO C 226 -4.92 56.19 -10.98
CA PRO C 226 -3.94 57.08 -11.60
C PRO C 226 -2.60 57.04 -10.88
N LYS C 227 -1.52 57.07 -11.66
CA LYS C 227 -0.19 56.80 -11.11
C LYS C 227 0.43 58.04 -10.47
N GLU C 228 0.23 59.21 -11.07
CA GLU C 228 0.79 60.48 -10.56
C GLU C 228 -0.29 61.44 -10.09
N LYS C 229 -1.16 61.93 -10.98
CA LYS C 229 -2.42 62.51 -10.54
C LYS C 229 -3.19 61.50 -9.67
N THR C 230 -4.03 62.03 -8.75
CA THR C 230 -4.87 61.26 -7.83
C THR C 230 -6.32 61.74 -8.06
N GLY C 231 -7.16 60.92 -8.72
CA GLY C 231 -8.59 61.20 -8.75
C GLY C 231 -9.38 59.94 -8.46
N PRO C 232 -10.47 59.71 -9.19
CA PRO C 232 -11.28 58.52 -8.90
C PRO C 232 -10.56 57.21 -9.25
N MET C 233 -10.87 56.18 -8.46
CA MET C 233 -10.32 54.84 -8.67
C MET C 233 -11.45 53.89 -9.01
N LYS C 234 -11.13 52.89 -9.82
CA LYS C 234 -12.13 51.94 -10.32
C LYS C 234 -11.80 50.54 -9.83
N GLU C 235 -12.84 49.82 -9.39
CA GLU C 235 -12.72 48.42 -9.06
C GLU C 235 -13.86 47.67 -9.73
N ILE C 236 -13.51 46.65 -10.52
CA ILE C 236 -14.47 45.84 -11.22
C ILE C 236 -14.25 44.38 -10.85
N ASN C 237 -15.34 43.64 -10.71
CA ASN C 237 -15.30 42.20 -10.49
C ASN C 237 -15.74 41.51 -11.78
N LEU C 238 -14.96 40.54 -12.23
CA LEU C 238 -15.28 39.84 -13.46
C LEU C 238 -15.58 38.38 -13.16
N ALA C 239 -16.31 37.75 -14.08
CA ALA C 239 -16.59 36.34 -14.00
C ALA C 239 -15.29 35.53 -14.18
N PRO C 240 -15.26 34.27 -13.73
CA PRO C 240 -14.03 33.47 -13.90
C PRO C 240 -13.65 33.26 -15.36
N ASP C 241 -14.63 33.14 -16.25
CA ASP C 241 -14.35 32.94 -17.67
C ASP C 241 -14.09 34.28 -18.35
N SER C 242 -13.11 35.01 -17.87
CA SER C 242 -12.72 36.30 -18.42
C SER C 242 -11.24 36.24 -18.78
N SER C 243 -10.90 36.69 -19.99
CA SER C 243 -9.52 36.90 -20.36
C SER C 243 -9.25 38.34 -20.77
N SER C 244 -10.24 39.22 -20.73
CA SER C 244 -10.08 40.61 -21.15
C SER C 244 -10.98 41.51 -20.31
N VAL C 245 -10.68 42.81 -20.35
CA VAL C 245 -11.50 43.79 -19.65
C VAL C 245 -11.36 45.13 -20.35
N VAL C 246 -12.47 45.89 -20.38
CA VAL C 246 -12.47 47.26 -20.88
C VAL C 246 -13.00 48.16 -19.76
N VAL C 247 -12.16 49.06 -19.26
CA VAL C 247 -12.52 49.97 -18.18
C VAL C 247 -12.83 51.34 -18.76
N SER C 248 -14.04 51.85 -18.47
CA SER C 248 -14.55 53.08 -19.05
C SER C 248 -14.47 54.21 -18.03
N GLY C 249 -15.10 55.33 -18.37
CA GLY C 249 -15.28 56.44 -17.43
C GLY C 249 -14.00 56.98 -16.85
N LEU C 250 -12.88 56.87 -17.56
CA LEU C 250 -11.62 57.38 -17.05
C LEU C 250 -11.39 58.81 -17.54
N MET C 251 -10.33 59.41 -17.01
CA MET C 251 -9.92 60.76 -17.38
C MET C 251 -9.00 60.72 -18.59
N VAL C 252 -8.90 61.86 -19.28
CA VAL C 252 -8.10 61.98 -20.48
C VAL C 252 -6.67 62.34 -20.11
N ALA C 253 -5.74 61.90 -20.95
CA ALA C 253 -4.30 62.18 -20.76
C ALA C 253 -3.85 61.84 -19.34
N THR C 254 -4.28 60.68 -18.85
CA THR C 254 -4.00 60.25 -17.49
C THR C 254 -3.25 58.92 -17.51
N LYS C 255 -2.16 58.86 -16.74
CA LYS C 255 -1.38 57.63 -16.60
C LYS C 255 -2.04 56.75 -15.53
N TYR C 256 -2.55 55.60 -15.94
CA TYR C 256 -3.25 54.69 -15.04
C TYR C 256 -2.40 53.42 -14.86
N GLU C 257 -2.30 52.96 -13.62
CA GLU C 257 -1.73 51.65 -13.34
C GLU C 257 -2.85 50.66 -13.09
N VAL C 258 -2.82 49.53 -13.80
CA VAL C 258 -3.86 48.51 -13.75
C VAL C 258 -3.32 47.26 -13.06
N SER C 259 -4.14 46.65 -12.21
CA SER C 259 -3.78 45.42 -11.52
C SER C 259 -4.93 44.42 -11.62
N VAL C 260 -4.59 43.16 -11.87
CA VAL C 260 -5.57 42.09 -12.06
C VAL C 260 -5.31 41.00 -11.04
N TYR C 261 -6.31 40.72 -10.22
CA TYR C 261 -6.22 39.71 -9.15
C TYR C 261 -7.14 38.55 -9.51
N ALA C 262 -6.59 37.34 -9.54
CA ALA C 262 -7.42 36.15 -9.67
C ALA C 262 -7.95 35.77 -8.28
N LEU C 263 -9.17 35.25 -8.26
CA LEU C 263 -9.88 34.98 -7.00
C LEU C 263 -10.44 33.56 -7.00
N LYS C 264 -10.17 32.82 -5.92
CA LYS C 264 -10.79 31.52 -5.66
C LYS C 264 -11.33 31.57 -4.23
N ASP C 265 -12.55 32.10 -4.08
CA ASP C 265 -13.14 32.38 -2.78
C ASP C 265 -12.23 33.29 -1.97
N THR C 266 -11.62 32.78 -0.91
CA THR C 266 -10.71 33.57 -0.10
C THR C 266 -9.27 33.58 -0.62
N LEU C 267 -8.94 32.72 -1.58
CA LEU C 267 -7.59 32.68 -2.14
C LEU C 267 -7.43 33.75 -3.21
N THR C 268 -6.48 34.65 -3.00
CA THR C 268 -6.24 35.77 -3.91
C THR C 268 -4.85 35.64 -4.50
N SER C 269 -4.76 35.72 -5.82
CA SER C 269 -3.47 35.66 -6.49
C SER C 269 -2.70 36.95 -6.28
N ARG C 270 -1.40 36.90 -6.55
CA ARG C 270 -0.64 38.13 -6.63
C ARG C 270 -1.09 38.91 -7.86
N PRO C 271 -1.09 40.24 -7.82
CA PRO C 271 -1.64 41.00 -8.94
C PRO C 271 -0.73 40.97 -10.16
N ALA C 272 -1.33 40.79 -11.33
CA ALA C 272 -0.66 41.12 -12.58
C ALA C 272 -0.82 42.63 -12.82
N GLN C 273 0.31 43.33 -12.90
CA GLN C 273 0.31 44.79 -12.95
C GLN C 273 0.83 45.29 -14.29
N GLY C 274 0.36 46.47 -14.67
CA GLY C 274 0.77 47.16 -15.88
C GLY C 274 0.41 48.63 -15.78
N VAL C 275 1.03 49.42 -16.64
CA VAL C 275 0.78 50.86 -16.67
C VAL C 275 0.52 51.29 -18.11
N VAL C 276 -0.40 52.23 -18.28
CA VAL C 276 -0.79 52.71 -19.60
C VAL C 276 -1.46 54.05 -19.42
N THR C 277 -1.37 54.89 -20.45
CA THR C 277 -1.97 56.22 -20.44
C THR C 277 -3.13 56.28 -21.43
N THR C 278 -4.20 56.93 -21.01
CA THR C 278 -5.32 57.19 -21.91
C THR C 278 -4.94 58.24 -22.94
N LEU C 279 -5.62 58.20 -24.09
CA LEU C 279 -5.43 59.22 -25.11
C LEU C 279 -5.83 60.59 -24.56
N GLU C 280 -5.22 61.62 -25.11
CA GLU C 280 -5.50 62.99 -24.68
C GLU C 280 -6.96 63.36 -24.92
N SER D 6 5.37 -56.66 3.70
CA SER D 6 4.93 -57.21 2.42
C SER D 6 5.52 -56.42 1.25
N ASP D 7 5.21 -56.86 0.03
CA ASP D 7 5.77 -56.28 -1.19
C ASP D 7 5.19 -54.90 -1.51
N VAL D 8 3.92 -54.66 -1.16
CA VAL D 8 3.18 -53.51 -1.68
C VAL D 8 3.90 -52.21 -1.35
N PRO D 9 3.93 -51.24 -2.26
CA PRO D 9 4.21 -49.86 -1.84
C PRO D 9 3.02 -49.34 -1.05
N ARG D 10 3.28 -48.38 -0.16
CA ARG D 10 2.26 -47.97 0.79
C ARG D 10 2.23 -46.46 0.93
N ASP D 11 1.03 -45.94 1.25
CA ASP D 11 0.77 -44.52 1.48
C ASP D 11 0.97 -43.71 0.19
N LEU D 12 0.38 -44.22 -0.89
CA LEU D 12 0.43 -43.53 -2.16
C LEU D 12 -0.49 -42.33 -2.14
N GLU D 13 0.05 -41.17 -2.49
CA GLU D 13 -0.72 -39.93 -2.48
C GLU D 13 -0.21 -39.04 -3.61
N VAL D 14 -1.04 -38.07 -3.98
CA VAL D 14 -0.62 -37.02 -4.92
C VAL D 14 -0.33 -35.77 -4.13
N VAL D 15 0.86 -35.21 -4.34
CA VAL D 15 1.28 -34.03 -3.61
C VAL D 15 1.11 -32.72 -4.41
N ALA D 16 0.93 -32.81 -5.73
CA ALA D 16 0.77 -31.59 -6.54
C ALA D 16 -0.08 -31.92 -7.76
N ALA D 17 -1.20 -31.21 -7.91
CA ALA D 17 -2.08 -31.35 -9.07
C ALA D 17 -2.03 -30.09 -9.92
N THR D 18 -1.80 -30.26 -11.22
CA THR D 18 -1.97 -29.18 -12.19
C THR D 18 -2.99 -29.64 -13.23
N PRO D 19 -3.50 -28.74 -14.08
CA PRO D 19 -4.43 -29.16 -15.13
C PRO D 19 -3.94 -30.31 -16.00
N THR D 20 -2.63 -30.49 -16.18
CA THR D 20 -2.11 -31.50 -17.11
C THR D 20 -1.20 -32.53 -16.46
N SER D 21 -0.93 -32.42 -15.16
CA SER D 21 0.04 -33.28 -14.50
C SER D 21 -0.39 -33.56 -13.07
N LEU D 22 0.08 -34.69 -12.54
CA LEU D 22 -0.15 -35.11 -11.18
C LEU D 22 1.16 -35.65 -10.63
N LEU D 23 1.56 -35.19 -9.44
CA LEU D 23 2.82 -35.59 -8.83
C LEU D 23 2.48 -36.52 -7.67
N ILE D 24 2.76 -37.81 -7.84
CA ILE D 24 2.43 -38.81 -6.85
C ILE D 24 3.66 -39.13 -6.00
N SER D 25 3.42 -39.58 -4.78
CA SER D 25 4.47 -40.02 -3.87
C SER D 25 3.96 -41.17 -3.02
N TRP D 26 4.88 -42.04 -2.60
CA TRP D 26 4.56 -43.19 -1.76
C TRP D 26 5.71 -43.41 -0.78
N ASP D 27 5.48 -44.32 0.17
CA ASP D 27 6.49 -44.64 1.18
C ASP D 27 7.38 -45.76 0.66
N ALA D 28 8.69 -45.54 0.71
CA ALA D 28 9.64 -46.56 0.28
C ALA D 28 9.54 -47.77 1.20
N PRO D 29 9.22 -48.95 0.67
CA PRO D 29 9.11 -50.14 1.53
C PRO D 29 10.47 -50.56 2.08
N ALA D 30 10.43 -51.40 3.12
CA ALA D 30 11.66 -51.89 3.73
C ALA D 30 12.43 -52.81 2.78
N VAL D 31 11.71 -53.62 2.00
CA VAL D 31 12.34 -54.46 0.99
C VAL D 31 13.09 -53.60 -0.02
N THR D 32 14.24 -54.11 -0.47
CA THR D 32 14.91 -53.52 -1.63
C THR D 32 14.04 -53.68 -2.87
N VAL D 33 13.88 -52.59 -3.63
CA VAL D 33 13.07 -52.57 -4.83
C VAL D 33 13.97 -52.24 -6.00
N ARG D 34 13.81 -52.99 -7.10
CA ARG D 34 14.57 -52.69 -8.32
C ARG D 34 13.92 -51.56 -9.11
N TYR D 35 12.60 -51.61 -9.28
CA TYR D 35 11.89 -50.49 -9.89
C TYR D 35 10.39 -50.63 -9.60
N TYR D 36 9.66 -49.56 -9.91
CA TYR D 36 8.22 -49.50 -9.71
C TYR D 36 7.52 -49.45 -11.07
N ARG D 37 6.24 -49.81 -11.07
CA ARG D 37 5.42 -49.76 -12.28
C ARG D 37 4.23 -48.85 -12.02
N ILE D 38 4.12 -47.78 -12.82
CA ILE D 38 3.10 -46.74 -12.67
C ILE D 38 2.09 -46.84 -13.80
N THR D 39 0.95 -47.47 -13.55
CA THR D 39 -0.16 -47.43 -14.50
C THR D 39 -1.17 -46.35 -14.10
N TYR D 40 -1.76 -45.70 -15.10
CA TYR D 40 -2.71 -44.62 -14.86
C TYR D 40 -3.63 -44.49 -16.07
N GLY D 41 -4.90 -44.21 -15.79
CA GLY D 41 -5.89 -44.10 -16.84
C GLY D 41 -7.14 -43.44 -16.29
N GLU D 42 -8.00 -43.01 -17.21
CA GLU D 42 -9.21 -42.32 -16.81
C GLU D 42 -10.17 -43.27 -16.09
N THR D 43 -10.78 -42.78 -15.02
CA THR D 43 -11.68 -43.58 -14.21
C THR D 43 -12.96 -43.87 -14.99
N GLY D 44 -13.16 -45.14 -15.35
CA GLY D 44 -14.37 -45.53 -16.04
C GLY D 44 -14.38 -45.28 -17.53
N GLY D 45 -13.21 -45.26 -18.16
CA GLY D 45 -13.13 -45.07 -19.61
C GLY D 45 -12.39 -46.23 -20.26
N ASN D 46 -12.87 -46.63 -21.43
CA ASN D 46 -12.23 -47.67 -22.23
C ASN D 46 -10.99 -47.15 -22.96
N SER D 47 -10.60 -45.92 -22.68
CA SER D 47 -9.31 -45.40 -23.16
C SER D 47 -8.19 -46.35 -22.73
N PRO D 48 -7.16 -46.53 -23.54
CA PRO D 48 -6.06 -47.41 -23.14
C PRO D 48 -5.33 -46.85 -21.93
N VAL D 49 -5.07 -47.72 -20.95
CA VAL D 49 -4.30 -47.33 -19.79
C VAL D 49 -2.85 -47.10 -20.20
N GLN D 50 -2.22 -46.09 -19.62
CA GLN D 50 -0.83 -45.76 -19.91
C GLN D 50 0.07 -46.19 -18.75
N GLU D 51 1.33 -46.41 -19.06
CA GLU D 51 2.22 -47.03 -18.10
C GLU D 51 3.67 -46.60 -18.33
N PHE D 52 4.38 -46.38 -17.23
CA PHE D 52 5.83 -46.18 -17.25
C PHE D 52 6.41 -46.76 -15.97
N THR D 53 7.74 -46.77 -15.88
CA THR D 53 8.44 -47.25 -14.70
C THR D 53 9.40 -46.17 -14.19
N VAL D 54 9.64 -46.21 -12.89
CA VAL D 54 10.65 -45.36 -12.25
C VAL D 54 11.59 -46.28 -11.47
N PRO D 55 12.87 -45.91 -11.29
CA PRO D 55 13.80 -46.82 -10.60
C PRO D 55 13.41 -46.98 -9.14
N GLY D 56 13.93 -48.06 -8.54
CA GLY D 56 13.68 -48.30 -7.13
C GLY D 56 14.26 -47.26 -6.20
N SER D 57 15.23 -46.48 -6.69
CA SER D 57 15.80 -45.41 -5.87
C SER D 57 14.76 -44.33 -5.59
N LYS D 58 13.90 -44.02 -6.56
CA LYS D 58 12.95 -42.91 -6.44
C LYS D 58 11.67 -43.34 -5.74
N SER D 59 11.07 -42.43 -5.00
CA SER D 59 9.81 -42.68 -4.32
C SER D 59 8.72 -41.71 -4.74
N THR D 60 8.93 -40.97 -5.84
CA THR D 60 7.94 -40.07 -6.40
C THR D 60 7.88 -40.28 -7.91
N ALA D 61 6.83 -39.75 -8.53
CA ALA D 61 6.71 -39.81 -9.97
C ALA D 61 5.79 -38.70 -10.45
N THR D 62 6.09 -38.14 -11.61
CA THR D 62 5.26 -37.10 -12.23
C THR D 62 4.56 -37.70 -13.44
N ILE D 63 3.24 -37.72 -13.41
CA ILE D 63 2.42 -38.18 -14.52
C ILE D 63 2.01 -36.95 -15.32
N SER D 64 2.48 -36.85 -16.56
CA SER D 64 2.30 -35.65 -17.38
C SER D 64 1.37 -35.93 -18.55
N GLY D 65 0.99 -34.85 -19.23
CA GLY D 65 0.18 -34.97 -20.43
C GLY D 65 -1.26 -35.38 -20.20
N LEU D 66 -1.83 -35.02 -19.07
CA LEU D 66 -3.21 -35.39 -18.76
C LEU D 66 -4.18 -34.31 -19.25
N LYS D 67 -5.48 -34.54 -19.03
CA LYS D 67 -6.51 -33.58 -19.38
C LYS D 67 -7.03 -32.89 -18.12
N PRO D 68 -7.55 -31.66 -18.24
CA PRO D 68 -8.02 -30.94 -17.06
C PRO D 68 -9.41 -31.37 -16.61
N GLY D 69 -9.60 -31.33 -15.29
CA GLY D 69 -10.92 -31.58 -14.71
C GLY D 69 -11.46 -32.98 -14.92
N VAL D 70 -10.60 -33.96 -15.21
CA VAL D 70 -11.04 -35.34 -15.38
C VAL D 70 -10.44 -36.19 -14.26
N ASP D 71 -11.18 -37.22 -13.87
CA ASP D 71 -10.75 -38.13 -12.83
C ASP D 71 -9.84 -39.20 -13.40
N TYR D 72 -8.74 -39.48 -12.69
CA TYR D 72 -7.77 -40.49 -13.08
C TYR D 72 -7.59 -41.51 -11.96
N THR D 73 -7.29 -42.75 -12.34
CA THR D 73 -6.96 -43.81 -11.39
C THR D 73 -5.49 -44.19 -11.57
N ILE D 74 -4.70 -43.96 -10.53
CA ILE D 74 -3.26 -44.24 -10.52
C ILE D 74 -2.99 -45.45 -9.63
N THR D 75 -2.36 -46.48 -10.19
CA THR D 75 -1.99 -47.72 -9.48
C THR D 75 -0.48 -47.90 -9.58
N VAL D 76 0.16 -48.33 -8.48
CA VAL D 76 1.61 -48.48 -8.40
C VAL D 76 1.95 -49.89 -7.96
N TYR D 77 2.94 -50.51 -8.60
CA TYR D 77 3.44 -51.83 -8.25
C TYR D 77 4.93 -51.76 -7.97
N ALA D 78 5.39 -52.57 -7.02
CA ALA D 78 6.82 -52.72 -6.74
C ALA D 78 7.26 -54.09 -7.24
N VAL D 79 8.19 -54.11 -8.18
CA VAL D 79 8.74 -55.36 -8.70
C VAL D 79 10.03 -55.68 -7.96
N THR D 80 10.26 -56.97 -7.71
CA THR D 80 11.44 -57.44 -7.00
C THR D 80 12.26 -58.46 -7.77
N GLY D 81 11.63 -59.33 -8.57
CA GLY D 81 12.33 -60.38 -9.27
C GLY D 81 13.08 -59.88 -10.49
N ARG D 82 13.75 -60.83 -11.17
CA ARG D 82 14.52 -60.51 -12.35
C ARG D 82 13.99 -61.24 -13.57
N PRO D 86 9.02 -59.71 -14.54
CA PRO D 86 9.49 -60.21 -13.24
C PRO D 86 8.36 -60.40 -12.23
N ALA D 87 8.70 -60.44 -10.94
CA ALA D 87 7.73 -60.69 -9.88
C ALA D 87 7.33 -59.34 -9.27
N SER D 88 6.15 -58.87 -9.65
CA SER D 88 5.62 -57.61 -9.14
C SER D 88 4.84 -57.84 -7.85
N SER D 89 4.24 -56.78 -7.34
CA SER D 89 3.47 -56.79 -6.11
C SER D 89 1.99 -56.63 -6.42
N LYS D 90 1.19 -56.57 -5.36
CA LYS D 90 -0.22 -56.21 -5.52
C LYS D 90 -0.33 -54.70 -5.68
N PRO D 91 -1.30 -54.23 -6.47
CA PRO D 91 -1.39 -52.79 -6.75
C PRO D 91 -1.95 -52.02 -5.56
N ILE D 92 -1.27 -50.94 -5.19
CA ILE D 92 -1.86 -49.88 -4.38
C ILE D 92 -2.34 -48.82 -5.36
N SER D 93 -3.51 -48.22 -5.09
CA SER D 93 -4.09 -47.35 -6.11
C SER D 93 -5.05 -46.34 -5.53
N ILE D 94 -5.03 -45.13 -6.11
CA ILE D 94 -5.87 -44.01 -5.72
C ILE D 94 -6.51 -43.43 -6.97
N ASN D 95 -7.51 -42.58 -6.77
CA ASN D 95 -8.11 -41.82 -7.84
C ASN D 95 -8.05 -40.33 -7.49
N TYR D 96 -7.79 -39.50 -8.50
CA TYR D 96 -7.64 -38.06 -8.28
C TYR D 96 -8.05 -37.31 -9.54
N ARG D 97 -8.55 -36.09 -9.36
CA ARG D 97 -9.04 -35.27 -10.46
C ARG D 97 -8.08 -34.13 -10.73
N THR D 98 -7.69 -33.97 -11.99
CA THR D 98 -6.83 -32.85 -12.36
C THR D 98 -7.56 -31.51 -12.20
N GLU D 99 -6.79 -30.44 -12.09
CA GLU D 99 -7.34 -29.12 -11.92
C GLU D 99 -8.04 -28.64 -13.20
N ILE D 100 -9.11 -27.93 -13.06
CA ILE D 100 -9.84 -27.47 -14.22
C ILE D 100 -9.10 -26.47 -15.06
N ASP D 101 -9.47 -26.44 -16.32
CA ASP D 101 -8.83 -25.51 -17.19
C ASP D 101 -9.20 -24.05 -17.02
N LYS D 102 -8.18 -23.27 -17.27
CA LYS D 102 -8.10 -21.85 -17.31
C LYS D 102 -8.75 -21.20 -18.54
N PRO D 103 -9.24 -20.00 -18.40
CA PRO D 103 -9.70 -19.28 -19.59
C PRO D 103 -8.50 -18.86 -20.44
N SER D 104 -8.76 -18.47 -21.68
CA SER D 104 -7.69 -18.16 -22.61
C SER D 104 -8.01 -16.90 -23.39
N GLN D 105 -6.95 -16.33 -23.98
CA GLN D 105 -7.07 -15.28 -24.97
C GLN D 105 -7.93 -14.11 -24.47
N MET D 106 -7.37 -13.40 -23.51
CA MET D 106 -8.05 -12.26 -22.92
C MET D 106 -7.82 -11.01 -23.76
N GLN D 107 -8.89 -10.30 -24.07
CA GLN D 107 -8.81 -9.04 -24.78
C GLN D 107 -9.14 -7.90 -23.83
N VAL D 108 -8.45 -6.77 -24.03
CA VAL D 108 -8.82 -5.50 -23.42
C VAL D 108 -9.66 -4.74 -24.43
N THR D 109 -10.95 -4.59 -24.15
CA THR D 109 -11.88 -4.00 -25.11
C THR D 109 -12.16 -2.52 -24.85
N ASP D 110 -11.79 -2.01 -23.68
CA ASP D 110 -12.05 -0.61 -23.35
C ASP D 110 -11.14 -0.21 -22.21
N VAL D 111 -10.57 0.99 -22.32
CA VAL D 111 -9.68 1.54 -21.31
C VAL D 111 -10.09 3.00 -21.10
N GLN D 112 -10.36 3.36 -19.85
CA GLN D 112 -10.69 4.73 -19.54
C GLN D 112 -9.81 5.22 -18.40
N ASP D 113 -10.20 6.33 -17.76
CA ASP D 113 -9.46 6.84 -16.62
C ASP D 113 -9.89 6.18 -15.32
N ASN D 114 -11.01 5.46 -15.33
CA ASN D 114 -11.57 4.88 -14.12
C ASN D 114 -12.06 3.45 -14.34
N SER D 115 -11.78 2.84 -15.49
CA SER D 115 -12.37 1.54 -15.79
C SER D 115 -11.51 0.84 -16.83
N ILE D 116 -11.52 -0.49 -16.76
CA ILE D 116 -10.92 -1.38 -17.75
C ILE D 116 -11.95 -2.43 -18.11
N SER D 117 -12.03 -2.77 -19.39
CA SER D 117 -12.98 -3.75 -19.89
C SER D 117 -12.23 -4.91 -20.52
N VAL D 118 -12.57 -6.14 -20.12
CA VAL D 118 -11.88 -7.33 -20.60
C VAL D 118 -12.88 -8.32 -21.18
N LYS D 119 -12.40 -9.12 -22.14
CA LYS D 119 -13.15 -10.22 -22.73
C LYS D 119 -12.21 -11.41 -22.81
N TRP D 120 -12.73 -12.60 -22.51
CA TRP D 120 -11.92 -13.82 -22.49
C TRP D 120 -12.65 -14.94 -23.19
N LEU D 121 -11.90 -15.97 -23.55
CA LEU D 121 -12.50 -17.19 -24.07
C LEU D 121 -12.86 -18.14 -22.92
N PRO D 122 -14.01 -18.80 -23.01
CA PRO D 122 -14.45 -19.64 -21.89
C PRO D 122 -13.50 -20.81 -21.66
N SER D 123 -13.49 -21.26 -20.40
CA SER D 123 -12.71 -22.45 -20.07
C SER D 123 -13.25 -23.66 -20.83
N SER D 124 -12.38 -24.65 -21.02
CA SER D 124 -12.84 -25.92 -21.58
C SER D 124 -13.60 -26.74 -20.54
N SER D 125 -13.18 -26.67 -19.29
CA SER D 125 -13.86 -27.39 -18.22
C SER D 125 -15.26 -26.83 -17.99
N PRO D 126 -16.15 -27.61 -17.40
CA PRO D 126 -17.44 -27.05 -16.95
C PRO D 126 -17.18 -26.08 -15.80
N VAL D 127 -17.77 -24.88 -15.92
CA VAL D 127 -17.52 -23.80 -14.97
C VAL D 127 -18.86 -23.26 -14.48
N THR D 128 -18.89 -22.91 -13.20
CA THR D 128 -20.07 -22.32 -12.56
C THR D 128 -19.99 -20.80 -12.49
N GLY D 129 -18.93 -20.21 -13.01
CA GLY D 129 -18.73 -18.78 -12.92
C GLY D 129 -17.25 -18.44 -13.00
N TYR D 130 -16.96 -17.15 -12.88
CA TYR D 130 -15.60 -16.65 -12.96
C TYR D 130 -15.38 -15.63 -11.85
N ARG D 131 -14.13 -15.57 -11.39
CA ARG D 131 -13.71 -14.61 -10.39
C ARG D 131 -12.61 -13.73 -10.99
N VAL D 132 -12.79 -12.42 -10.94
CA VAL D 132 -11.89 -11.47 -11.57
C VAL D 132 -11.36 -10.53 -10.52
N THR D 133 -10.03 -10.43 -10.44
CA THR D 133 -9.35 -9.54 -9.50
C THR D 133 -8.59 -8.47 -10.26
N THR D 134 -8.60 -7.26 -9.72
CA THR D 134 -7.83 -6.15 -10.29
C THR D 134 -6.99 -5.54 -9.18
N THR D 135 -5.69 -5.42 -9.42
CA THR D 135 -4.78 -4.85 -8.46
C THR D 135 -3.62 -4.18 -9.20
N PRO D 136 -3.10 -3.06 -8.69
CA PRO D 136 -1.99 -2.40 -9.38
C PRO D 136 -0.75 -3.27 -9.44
N LYS D 137 -0.03 -3.19 -10.55
CA LYS D 137 1.11 -4.08 -10.77
C LYS D 137 2.26 -3.76 -9.82
N ASN D 138 2.50 -2.49 -9.54
CA ASN D 138 3.62 -2.09 -8.69
C ASN D 138 3.18 -1.45 -7.39
N GLY D 139 2.33 -0.42 -7.46
CA GLY D 139 1.83 0.24 -6.27
C GLY D 139 1.04 -0.69 -5.39
N PRO D 140 1.42 -0.78 -4.11
CA PRO D 140 0.69 -1.65 -3.19
C PRO D 140 -0.70 -1.13 -2.89
N GLY D 141 -1.64 -1.34 -3.83
CA GLY D 141 -2.98 -0.85 -3.68
C GLY D 141 -3.98 -1.96 -3.41
N PRO D 142 -5.27 -1.62 -3.37
CA PRO D 142 -6.30 -2.60 -3.04
C PRO D 142 -6.59 -3.54 -4.20
N THR D 143 -7.21 -4.68 -3.86
CA THR D 143 -7.59 -5.69 -4.84
C THR D 143 -9.11 -5.69 -4.97
N LYS D 144 -9.61 -5.24 -6.12
CA LYS D 144 -11.03 -5.30 -6.42
C LYS D 144 -11.40 -6.67 -6.98
N THR D 145 -12.44 -7.27 -6.43
CA THR D 145 -12.88 -8.60 -6.83
C THR D 145 -14.32 -8.55 -7.30
N LYS D 146 -14.58 -9.14 -8.46
CA LYS D 146 -15.93 -9.20 -9.02
C LYS D 146 -16.19 -10.61 -9.51
N THR D 147 -17.47 -11.00 -9.49
CA THR D 147 -17.89 -12.34 -9.87
C THR D 147 -18.72 -12.29 -11.14
N ALA D 148 -18.42 -13.20 -12.07
CA ALA D 148 -19.12 -13.30 -13.34
C ALA D 148 -19.80 -14.67 -13.43
N GLY D 149 -20.97 -14.71 -14.02
CA GLY D 149 -21.73 -15.93 -14.16
C GLY D 149 -21.09 -16.92 -15.12
N PRO D 150 -21.61 -18.15 -15.14
CA PRO D 150 -21.02 -19.17 -16.02
C PRO D 150 -21.11 -18.81 -17.49
N ASP D 151 -22.15 -18.08 -17.90
CA ASP D 151 -22.32 -17.72 -19.29
C ASP D 151 -21.67 -16.41 -19.67
N GLN D 152 -21.01 -15.74 -18.72
CA GLN D 152 -20.43 -14.44 -18.98
C GLN D 152 -19.02 -14.57 -19.57
N THR D 153 -18.67 -13.64 -20.45
CA THR D 153 -17.37 -13.63 -21.10
C THR D 153 -16.71 -12.25 -21.12
N GLU D 154 -17.39 -11.22 -20.61
CA GLU D 154 -16.83 -9.87 -20.58
C GLU D 154 -17.11 -9.25 -19.22
N MET D 155 -16.26 -8.29 -18.85
CA MET D 155 -16.43 -7.61 -17.57
C MET D 155 -15.78 -6.24 -17.63
N THR D 156 -16.34 -5.31 -16.88
CA THR D 156 -15.81 -3.96 -16.72
C THR D 156 -15.53 -3.71 -15.25
N ILE D 157 -14.31 -3.28 -14.94
CA ILE D 157 -13.89 -3.05 -13.56
C ILE D 157 -13.80 -1.54 -13.38
N GLU D 158 -14.81 -0.95 -12.75
CA GLU D 158 -14.84 0.49 -12.52
C GLU D 158 -14.13 0.83 -11.21
N GLY D 159 -14.02 2.13 -10.92
CA GLY D 159 -13.42 2.56 -9.68
C GLY D 159 -11.91 2.52 -9.64
N LEU D 160 -11.26 2.59 -10.80
CA LEU D 160 -9.82 2.51 -10.87
C LEU D 160 -9.19 3.90 -10.88
N GLN D 161 -7.84 3.93 -10.75
CA GLN D 161 -7.13 5.19 -10.74
C GLN D 161 -6.52 5.49 -12.12
N PRO D 162 -6.38 6.75 -12.48
CA PRO D 162 -5.80 7.10 -13.77
C PRO D 162 -4.28 6.91 -13.77
N THR D 163 -3.75 6.59 -14.96
CA THR D 163 -2.31 6.42 -15.17
C THR D 163 -1.72 5.35 -14.25
N VAL D 164 -2.43 4.23 -14.10
CA VAL D 164 -1.93 3.12 -13.30
C VAL D 164 -2.01 1.84 -14.12
N GLU D 165 -0.92 1.10 -14.14
CA GLU D 165 -0.90 -0.23 -14.75
C GLU D 165 -1.56 -1.22 -13.79
N TYR D 166 -2.63 -1.87 -14.25
CA TYR D 166 -3.41 -2.79 -13.43
C TYR D 166 -3.23 -4.22 -13.92
N VAL D 167 -3.22 -5.16 -12.98
CA VAL D 167 -3.16 -6.59 -13.29
C VAL D 167 -4.56 -7.17 -13.15
N VAL D 168 -5.06 -7.78 -14.21
CA VAL D 168 -6.39 -8.37 -14.23
C VAL D 168 -6.27 -9.89 -14.36
N SER D 169 -6.74 -10.62 -13.35
CA SER D 169 -6.68 -12.07 -13.31
C SER D 169 -8.09 -12.63 -13.31
N VAL D 170 -8.33 -13.67 -14.11
CA VAL D 170 -9.64 -14.31 -14.24
C VAL D 170 -9.52 -15.77 -13.84
N TYR D 171 -10.26 -16.18 -12.82
CA TYR D 171 -10.26 -17.55 -12.31
C TYR D 171 -11.57 -18.23 -12.66
N ALA D 172 -11.48 -19.40 -13.29
CA ALA D 172 -12.66 -20.21 -13.56
C ALA D 172 -13.08 -20.94 -12.28
N GLN D 173 -14.37 -20.93 -11.99
CA GLN D 173 -14.90 -21.50 -10.75
C GLN D 173 -15.52 -22.87 -11.01
N ASN D 174 -15.36 -23.76 -10.04
CA ASN D 174 -15.84 -25.14 -10.12
C ASN D 174 -15.85 -25.70 -8.71
N PRO D 175 -16.82 -26.57 -8.39
CA PRO D 175 -16.87 -27.12 -7.02
C PRO D 175 -15.63 -27.92 -6.64
N SER D 176 -14.98 -28.58 -7.60
CA SER D 176 -13.84 -29.42 -7.28
C SER D 176 -12.54 -28.63 -7.35
N GLY D 177 -12.60 -27.36 -7.01
CA GLY D 177 -11.43 -26.50 -7.03
C GLY D 177 -11.54 -25.42 -8.10
N GLU D 178 -10.80 -24.35 -7.91
CA GLU D 178 -10.81 -23.19 -8.79
C GLU D 178 -9.60 -23.22 -9.72
N SER D 179 -9.80 -22.79 -10.97
CA SER D 179 -8.74 -22.82 -11.96
C SER D 179 -7.60 -21.86 -11.60
N GLN D 180 -6.48 -22.04 -12.29
CA GLN D 180 -5.41 -21.04 -12.25
C GLN D 180 -5.81 -19.82 -13.07
N PRO D 181 -5.19 -18.66 -12.79
CA PRO D 181 -5.66 -17.41 -13.41
C PRO D 181 -5.15 -17.23 -14.83
N LEU D 182 -5.99 -16.55 -15.62
CA LEU D 182 -5.58 -15.92 -16.86
C LEU D 182 -5.28 -14.45 -16.57
N VAL D 183 -4.03 -14.05 -16.81
CA VAL D 183 -3.52 -12.75 -16.38
C VAL D 183 -3.20 -11.90 -17.60
N GLN D 184 -3.60 -10.62 -17.53
CA GLN D 184 -3.24 -9.63 -18.53
C GLN D 184 -3.25 -8.27 -17.86
N THR D 185 -2.31 -7.42 -18.25
CA THR D 185 -2.09 -6.11 -17.64
C THR D 185 -2.50 -5.01 -18.62
N ALA D 186 -2.84 -3.84 -18.06
CA ALA D 186 -3.37 -2.72 -18.85
C ALA D 186 -3.22 -1.43 -18.06
N VAL D 187 -3.08 -0.32 -18.78
CA VAL D 187 -2.85 1.00 -18.17
C VAL D 187 -4.07 1.87 -18.39
N THR D 188 -4.58 2.48 -17.33
CA THR D 188 -5.67 3.43 -17.43
C THR D 188 -5.16 4.78 -17.93
N THR D 189 -6.02 5.47 -18.69
CA THR D 189 -5.67 6.74 -19.30
C THR D 189 -5.89 7.88 -18.29
N ILE D 190 -5.88 9.12 -18.76
CA ILE D 190 -5.96 10.30 -17.88
C ILE D 190 -7.34 10.95 -17.97
N PRO D 191 -7.76 11.71 -16.96
CA PRO D 191 -9.07 12.37 -17.02
C PRO D 191 -9.11 13.50 -18.03
N ALA D 192 -10.32 13.86 -18.43
CA ALA D 192 -10.52 14.95 -19.37
C ALA D 192 -10.33 16.30 -18.70
N PRO D 193 -9.93 17.32 -19.45
CA PRO D 193 -9.93 18.67 -18.89
C PRO D 193 -11.37 19.07 -18.58
N THR D 194 -11.51 19.94 -17.58
CA THR D 194 -12.81 20.32 -17.06
C THR D 194 -13.13 21.75 -17.44
N ASP D 195 -14.41 22.03 -17.63
CA ASP D 195 -14.94 23.39 -17.70
C ASP D 195 -14.29 24.17 -18.84
N LEU D 196 -14.48 23.66 -20.06
CA LEU D 196 -14.03 24.37 -21.25
C LEU D 196 -14.98 25.52 -21.51
N LYS D 197 -14.50 26.74 -21.29
CA LYS D 197 -15.30 27.94 -21.45
C LYS D 197 -14.63 28.90 -22.43
N PHE D 198 -15.44 29.50 -23.29
CA PHE D 198 -14.96 30.49 -24.24
C PHE D 198 -15.04 31.89 -23.64
N THR D 199 -13.93 32.62 -23.64
CA THR D 199 -13.85 33.90 -22.96
C THR D 199 -13.86 35.10 -23.88
N GLN D 200 -13.63 34.91 -25.17
CA GLN D 200 -13.50 36.05 -26.07
C GLN D 200 -13.61 35.56 -27.49
N GLY D 201 -14.34 36.32 -28.31
CA GLY D 201 -14.48 36.03 -29.72
C GLY D 201 -14.31 37.27 -30.57
N THR D 202 -13.66 37.14 -31.71
CA THR D 202 -13.58 38.24 -32.66
C THR D 202 -14.02 37.69 -34.02
N PRO D 203 -14.04 38.50 -35.09
CA PRO D 203 -14.32 37.91 -36.42
C PRO D 203 -13.36 36.78 -36.80
N THR D 204 -12.12 36.82 -36.32
CA THR D 204 -11.08 35.87 -36.73
C THR D 204 -10.47 35.09 -35.58
N SER D 205 -10.62 35.54 -34.33
CA SER D 205 -10.01 34.92 -33.16
C SER D 205 -11.01 34.02 -32.43
N LEU D 206 -10.49 33.30 -31.44
CA LEU D 206 -11.26 32.48 -30.50
C LEU D 206 -10.39 32.26 -29.28
N SER D 207 -10.94 32.47 -28.10
CA SER D 207 -10.19 32.33 -26.85
C SER D 207 -10.93 31.37 -25.93
N ALA D 208 -10.25 30.28 -25.55
CA ALA D 208 -10.81 29.26 -24.69
C ALA D 208 -9.92 29.04 -23.48
N GLN D 209 -10.54 28.58 -22.40
CA GLN D 209 -9.82 28.25 -21.18
C GLN D 209 -10.50 27.04 -20.53
N TRP D 210 -9.75 26.34 -19.69
CA TRP D 210 -10.25 25.13 -19.06
C TRP D 210 -9.52 24.92 -17.73
N THR D 211 -9.99 23.92 -17.00
CA THR D 211 -9.32 23.50 -15.77
C THR D 211 -8.52 22.24 -16.06
N PRO D 212 -7.21 22.26 -15.87
CA PRO D 212 -6.41 21.07 -16.21
C PRO D 212 -6.77 19.90 -15.32
N PRO D 213 -6.57 18.67 -15.80
CA PRO D 213 -6.79 17.50 -14.95
C PRO D 213 -5.73 17.39 -13.87
N ASN D 214 -6.05 16.56 -12.86
CA ASN D 214 -5.23 16.46 -11.65
C ASN D 214 -4.12 15.41 -11.77
N VAL D 215 -3.52 15.24 -12.94
CA VAL D 215 -2.35 14.39 -13.10
C VAL D 215 -1.34 15.16 -13.93
N GLN D 216 -0.07 14.81 -13.75
CA GLN D 216 0.97 15.49 -14.51
C GLN D 216 0.91 15.05 -15.98
N LEU D 217 0.96 16.02 -16.89
CA LEU D 217 0.82 15.79 -18.32
C LEU D 217 2.13 16.07 -19.04
N THR D 218 2.23 15.55 -20.26
CA THR D 218 3.34 15.89 -21.13
C THR D 218 3.01 17.01 -22.10
N GLY D 219 1.73 17.35 -22.25
CA GLY D 219 1.32 18.45 -23.10
C GLY D 219 -0.17 18.38 -23.38
N TYR D 220 -0.60 19.22 -24.31
CA TYR D 220 -1.99 19.26 -24.75
C TYR D 220 -2.05 19.23 -26.27
N ARG D 221 -3.17 18.77 -26.79
CA ARG D 221 -3.46 18.84 -28.21
C ARG D 221 -4.83 19.46 -28.39
N VAL D 222 -4.87 20.63 -29.00
CA VAL D 222 -6.11 21.35 -29.28
C VAL D 222 -6.41 21.24 -30.77
N ARG D 223 -7.66 20.92 -31.10
CA ARG D 223 -8.13 20.95 -32.48
C ARG D 223 -9.33 21.88 -32.59
N VAL D 224 -9.34 22.68 -33.65
CA VAL D 224 -10.45 23.58 -33.95
C VAL D 224 -10.85 23.37 -35.40
N THR D 225 -12.11 22.99 -35.62
CA THR D 225 -12.57 22.67 -36.96
C THR D 225 -13.99 23.18 -37.16
N PRO D 226 -14.30 23.71 -38.35
CA PRO D 226 -15.67 24.18 -38.60
C PRO D 226 -16.64 23.01 -38.60
N LYS D 227 -17.80 23.23 -37.98
CA LYS D 227 -18.77 22.15 -37.83
C LYS D 227 -19.46 21.82 -39.16
N GLU D 228 -19.92 22.84 -39.90
CA GLU D 228 -20.68 22.60 -41.11
C GLU D 228 -20.01 23.13 -42.38
N LYS D 229 -18.85 23.79 -42.26
CA LYS D 229 -18.11 24.24 -43.43
C LYS D 229 -17.09 23.23 -43.93
N THR D 230 -16.65 22.31 -43.06
CA THR D 230 -15.57 21.36 -43.35
C THR D 230 -14.39 22.02 -44.06
N GLY D 231 -14.13 23.28 -43.73
CA GLY D 231 -13.01 24.00 -44.28
C GLY D 231 -11.72 23.61 -43.60
N PRO D 232 -10.79 24.55 -43.46
CA PRO D 232 -9.50 24.24 -42.83
C PRO D 232 -9.66 24.04 -41.32
N MET D 233 -8.91 23.07 -40.80
CA MET D 233 -8.88 22.82 -39.37
C MET D 233 -7.49 23.12 -38.84
N LYS D 234 -7.41 23.48 -37.56
CA LYS D 234 -6.16 23.84 -36.92
C LYS D 234 -5.86 22.89 -35.78
N GLU D 235 -4.59 22.54 -35.63
CA GLU D 235 -4.12 21.72 -34.53
C GLU D 235 -2.96 22.44 -33.85
N ILE D 236 -3.01 22.53 -32.52
CA ILE D 236 -2.00 23.21 -31.73
C ILE D 236 -1.60 22.32 -30.58
N ASN D 237 -0.29 22.24 -30.32
CA ASN D 237 0.26 21.51 -29.19
C ASN D 237 0.72 22.50 -28.12
N LEU D 238 0.19 22.35 -26.91
CA LEU D 238 0.52 23.26 -25.83
C LEU D 238 1.36 22.54 -24.78
N ALA D 239 2.03 23.34 -23.95
CA ALA D 239 2.82 22.81 -22.86
C ALA D 239 1.92 22.21 -21.79
N PRO D 240 2.45 21.36 -20.91
CA PRO D 240 1.60 20.74 -19.89
C PRO D 240 1.00 21.74 -18.92
N ASP D 241 1.65 22.86 -18.65
CA ASP D 241 1.17 23.87 -17.70
C ASP D 241 0.25 24.90 -18.34
N SER D 242 -0.60 24.48 -19.28
CA SER D 242 -1.49 25.38 -20.01
C SER D 242 -2.92 25.20 -19.55
N SER D 243 -3.65 26.32 -19.45
CA SER D 243 -5.07 26.27 -19.21
C SER D 243 -5.86 27.05 -20.25
N SER D 244 -5.19 27.63 -21.25
CA SER D 244 -5.85 28.53 -22.18
C SER D 244 -5.13 28.50 -23.52
N VAL D 245 -5.90 28.82 -24.56
CA VAL D 245 -5.39 28.96 -25.91
C VAL D 245 -6.16 30.05 -26.63
N VAL D 246 -5.46 30.77 -27.50
CA VAL D 246 -6.05 31.76 -28.39
C VAL D 246 -5.74 31.31 -29.81
N VAL D 247 -6.77 30.89 -30.54
CA VAL D 247 -6.65 30.51 -31.95
C VAL D 247 -7.15 31.65 -32.82
N SER D 248 -6.30 32.09 -33.76
CA SER D 248 -6.61 33.13 -34.71
C SER D 248 -6.65 32.54 -36.12
N GLY D 249 -6.74 33.41 -37.12
CA GLY D 249 -6.75 32.97 -38.51
C GLY D 249 -7.97 32.15 -38.90
N LEU D 250 -9.10 32.31 -38.20
CA LEU D 250 -10.28 31.52 -38.50
C LEU D 250 -11.16 32.25 -39.52
N MET D 251 -12.28 31.61 -39.88
CA MET D 251 -13.25 32.21 -40.78
C MET D 251 -14.32 32.98 -40.00
N VAL D 252 -14.95 33.94 -40.68
CA VAL D 252 -15.97 34.78 -40.07
C VAL D 252 -17.30 34.05 -40.09
N ALA D 253 -18.18 34.41 -39.14
CA ALA D 253 -19.54 33.89 -39.07
C ALA D 253 -19.57 32.38 -39.26
N THR D 254 -18.65 31.69 -38.57
CA THR D 254 -18.45 30.26 -38.71
C THR D 254 -18.61 29.58 -37.36
N LYS D 255 -19.36 28.49 -37.33
CA LYS D 255 -19.50 27.68 -36.13
C LYS D 255 -18.30 26.73 -36.05
N TYR D 256 -17.48 26.90 -35.03
CA TYR D 256 -16.27 26.11 -34.83
C TYR D 256 -16.43 25.21 -33.62
N GLU D 257 -16.11 23.93 -33.78
CA GLU D 257 -16.01 23.02 -32.64
C GLU D 257 -14.56 22.96 -32.19
N VAL D 258 -14.35 23.11 -30.88
CA VAL D 258 -13.03 23.10 -30.26
C VAL D 258 -12.93 21.85 -29.38
N SER D 259 -11.79 21.17 -29.47
CA SER D 259 -11.56 19.98 -28.64
C SER D 259 -10.17 20.04 -28.02
N VAL D 260 -10.11 19.79 -26.71
CA VAL D 260 -8.85 19.80 -25.97
C VAL D 260 -8.58 18.39 -25.47
N TYR D 261 -7.43 17.84 -25.86
CA TYR D 261 -6.98 16.53 -25.43
C TYR D 261 -5.79 16.70 -24.50
N ALA D 262 -5.90 16.18 -23.27
CA ALA D 262 -4.76 16.10 -22.37
C ALA D 262 -3.89 14.90 -22.74
N LEU D 263 -2.57 15.09 -22.70
CA LEU D 263 -1.62 14.08 -23.15
C LEU D 263 -0.62 13.77 -22.04
N LYS D 264 -0.37 12.49 -21.82
CA LYS D 264 0.71 12.00 -20.94
C LYS D 264 1.44 10.91 -21.73
N ASP D 265 2.48 11.32 -22.45
CA ASP D 265 3.21 10.42 -23.34
C ASP D 265 2.22 9.77 -24.31
N THR D 266 2.07 8.45 -24.22
CA THR D 266 1.15 7.75 -25.11
C THR D 266 -0.29 7.76 -24.62
N LEU D 267 -0.53 8.15 -23.36
CA LEU D 267 -1.89 8.24 -22.84
C LEU D 267 -2.57 9.51 -23.34
N THR D 268 -3.80 9.37 -23.81
CA THR D 268 -4.58 10.48 -24.36
C THR D 268 -5.91 10.56 -23.63
N SER D 269 -6.25 11.75 -23.14
CA SER D 269 -7.51 11.94 -22.46
C SER D 269 -8.68 11.90 -23.44
N ARG D 270 -9.88 11.69 -22.90
CA ARG D 270 -11.09 12.00 -23.63
C ARG D 270 -11.10 13.51 -23.92
N PRO D 271 -11.57 13.94 -25.08
CA PRO D 271 -11.50 15.38 -25.38
C PRO D 271 -12.54 16.17 -24.59
N ALA D 272 -12.13 17.33 -24.11
CA ALA D 272 -13.09 18.36 -23.70
C ALA D 272 -13.55 19.11 -24.94
N GLN D 273 -14.84 19.08 -25.22
CA GLN D 273 -15.38 19.64 -26.45
C GLN D 273 -16.30 20.81 -26.18
N GLY D 274 -16.29 21.77 -27.10
CA GLY D 274 -17.18 22.91 -27.06
C GLY D 274 -17.31 23.50 -28.44
N VAL D 275 -18.41 24.22 -28.66
CA VAL D 275 -18.67 24.82 -29.96
C VAL D 275 -19.01 26.30 -29.79
N VAL D 276 -18.58 27.11 -30.75
CA VAL D 276 -18.71 28.56 -30.66
C VAL D 276 -18.61 29.12 -32.07
N THR D 277 -19.28 30.24 -32.30
CA THR D 277 -19.29 30.90 -33.60
C THR D 277 -18.46 32.18 -33.55
N THR D 278 -17.63 32.37 -34.58
CA THR D 278 -16.89 33.62 -34.73
C THR D 278 -17.81 34.75 -35.17
N LEU D 279 -17.42 35.97 -34.85
CA LEU D 279 -18.22 37.14 -35.20
C LEU D 279 -18.30 37.32 -36.71
N GLU D 280 -19.31 38.07 -37.14
CA GLU D 280 -19.59 38.23 -38.58
C GLU D 280 -18.57 39.10 -39.29
C1 GOL E . -1.70 -23.21 -20.60
O1 GOL E . -0.60 -22.85 -19.86
C2 GOL E . -2.84 -23.37 -19.59
O2 GOL E . -4.08 -23.19 -20.18
C3 GOL E . -2.65 -24.78 -18.99
O3 GOL E . -3.71 -24.97 -18.10
C1 GOL F . 21.05 -21.65 -17.97
O1 GOL F . 22.21 -21.13 -17.39
C2 GOL F . 19.91 -21.21 -17.06
O2 GOL F . 19.82 -19.84 -17.00
C3 GOL F . 20.26 -21.76 -15.69
O3 GOL F . 19.38 -21.16 -14.80
C1 GOL G . -18.21 9.03 25.56
O1 GOL G . -19.40 8.33 25.40
C2 GOL G . -17.14 8.24 24.80
O2 GOL G . -17.58 7.89 23.53
C3 GOL G . -16.87 7.00 25.67
O3 GOL G . -16.22 7.45 26.82
C1 GOL H . 4.77 16.64 24.30
O1 GOL H . 5.41 16.47 23.06
C2 GOL H . 3.66 17.72 24.12
O2 GOL H . 2.65 17.29 23.27
C3 GOL H . 3.12 17.96 25.54
O3 GOL H . 2.35 16.83 25.86
C1 GOL I . -1.44 24.15 19.65
O1 GOL I . -2.40 24.45 20.62
C2 GOL I . -0.11 23.85 20.39
O2 GOL I . -0.03 22.55 20.85
C3 GOL I . 0.99 24.16 19.36
O3 GOL I . 1.76 23.01 19.25
C1 GOL J . -3.20 -18.32 -23.21
O1 GOL J . -4.47 -17.75 -23.18
C2 GOL J . -2.23 -17.15 -23.40
O2 GOL J . -2.58 -16.37 -24.49
C3 GOL J . -2.29 -16.37 -22.07
O3 GOL J . -1.21 -15.50 -22.06
#